data_6NTK
#
_entry.id   6NTK
#
_cell.length_a   105.104
_cell.length_b   105.104
_cell.length_c   324.419
_cell.angle_alpha   90.00
_cell.angle_beta   90.00
_cell.angle_gamma   120.00
#
_symmetry.space_group_name_H-M   'P 31 2 1'
#
loop_
_entity.id
_entity.type
_entity.pdbx_description
1 polymer Acetylcholinesterase
2 branched 2-acetamido-2-deoxy-beta-D-glucopyranose-(1-4)-[alpha-L-fucopyranose-(1-6)]2-acetamido-2-deoxy-beta-D-glucopyranose
3 non-polymer 2-acetamido-2-deoxy-beta-D-glucopyranose
4 non-polymer 2-(2-(2-(2-(2-(2-ETHOXYETHOXY)ETHOXY)ETHOXY)ETHOXY)ETHOXY)ETHANOL
5 non-polymer 'methyl (R)-N-[(1E)-1-(diethylamino)ethylidene]-P-methylphosphonamidate'
6 water water
#
_entity_poly.entity_id   1
_entity_poly.type   'polypeptide(L)'
_entity_poly.pdbx_seq_one_letter_code
;GREDAELLVTVRGGRLRGIRLKTPGGPVSAFLGIPFAEPPMGPRRFLPPEPKQPWSGVVDATTFQSVCYQYVDTLYPGFE
GTEMWNPNRELSEDCLYLNVWTPYPRPTSPTPVLVWIYGGGFYSGASSLDVYDGRFLVQAERTVLVSMNYRVGAFGFLAL
PGSREAPGNVGLLDQRLALQWVQENVAAFGGDPTSVTLFGESAGAASVGMHLLSPPSRGLFHRAVLQSGAPNGPWATVGM
GEARRRATQLAHLVGCPPGGTGGNDTELVACLRTRPAQVLVNHEWHVLPQESVFRFSFVPVVDGDFLSDTPEALINAGDF
HGLQVLVGVVKDEGSYFLVYGAPGFSKDNESLISRAEFLAGVRVGVPQVSDLAAEAVVLHYTDWLHPEDPARLREALSDV
VGDHNVVCPVAQLAGRLAAQGARVYAYVFEHRASTLSWPLWMGVPHGYEIEFIFGIPLDPSRNYTAEEKIFAQRLMRYWA
NFARTGDPNEPRDPKAPQWPPYTAGAQQYVSLDLRPLEVRRGLRAQACAFWNRFLPKLLSAT
;
_entity_poly.pdbx_strand_id   A,B
#
loop_
_chem_comp.id
_chem_comp.type
_chem_comp.name
_chem_comp.formula
7PE non-polymer 2-(2-(2-(2-(2-(2-ETHOXYETHOXY)ETHOXY)ETHOXY)ETHOXY)ETHOXY)ETHANOL 'C14 H30 O7'
FUC L-saccharide, alpha linking alpha-L-fucopyranose 'C6 H12 O5'
L0S non-polymer 'methyl (R)-N-[(1E)-1-(diethylamino)ethylidene]-P-methylphosphonamidate' 'C8 H19 N2 O2 P'
NAG D-saccharide, beta linking 2-acetamido-2-deoxy-beta-D-glucopyranose 'C8 H15 N O6'
#
# COMPACT_ATOMS: atom_id res chain seq x y z
N ARG A 2 42.61 25.51 31.87
CA ARG A 2 42.93 24.79 30.64
C ARG A 2 41.73 23.98 30.16
N GLU A 3 41.62 22.75 30.64
CA GLU A 3 40.52 21.87 30.27
C GLU A 3 40.17 20.97 31.44
N ASP A 4 38.88 20.62 31.52
CA ASP A 4 38.38 19.63 32.48
C ASP A 4 38.15 18.33 31.74
N ALA A 5 38.90 17.29 32.12
CA ALA A 5 38.88 16.04 31.38
C ALA A 5 37.51 15.36 31.37
N GLU A 6 36.64 15.69 32.32
CA GLU A 6 35.32 15.08 32.36
C GLU A 6 34.30 15.75 31.45
N LEU A 7 34.56 16.99 31.05
CA LEU A 7 33.72 17.68 30.07
C LEU A 7 34.22 17.47 28.65
N LEU A 8 35.10 16.50 28.44
CA LEU A 8 35.64 16.17 27.12
C LEU A 8 35.31 14.71 26.83
N VAL A 9 34.64 14.48 25.70
CA VAL A 9 34.23 13.14 25.28
C VAL A 9 34.49 13.03 23.78
N THR A 10 34.97 11.86 23.35
CA THR A 10 35.16 11.56 21.94
C THR A 10 34.08 10.59 21.49
N VAL A 11 33.27 11.01 20.52
CA VAL A 11 32.31 10.13 19.87
C VAL A 11 32.85 9.82 18.48
N ARG A 12 32.14 8.99 17.72
CA ARG A 12 32.66 8.55 16.43
C ARG A 12 32.85 9.71 15.48
N GLY A 13 32.02 10.75 15.57
CA GLY A 13 32.13 11.87 14.65
C GLY A 13 33.28 12.80 14.98
N GLY A 14 33.67 12.87 16.24
CA GLY A 14 34.75 13.76 16.64
C GLY A 14 34.71 14.01 18.14
N ARG A 15 35.35 15.09 18.56
CA ARG A 15 35.45 15.50 19.93
C ARG A 15 34.38 16.49 20.36
N LEU A 16 34.00 16.40 21.61
CA LEU A 16 32.95 17.24 22.15
C LEU A 16 33.42 17.88 23.46
N ARG A 17 32.87 19.06 23.75
CA ARG A 17 33.13 19.77 25.00
C ARG A 17 31.79 20.10 25.64
N GLY A 18 31.65 19.76 26.92
CA GLY A 18 30.40 19.90 27.63
C GLY A 18 30.43 20.96 28.72
N ILE A 19 29.48 20.91 29.62
CA ILE A 19 29.47 21.80 30.74
C ILE A 19 29.07 21.11 32.00
N ARG A 20 29.45 21.69 33.11
CA ARG A 20 29.16 21.16 34.44
C ARG A 20 27.96 21.93 35.00
N LEU A 21 26.86 21.21 35.19
CA LEU A 21 25.60 21.80 35.64
C LEU A 21 25.46 21.67 37.15
N LYS A 22 25.01 22.74 37.78
CA LYS A 22 24.68 22.71 39.20
C LYS A 22 23.27 22.18 39.38
N THR A 23 23.11 21.25 40.32
CA THR A 23 21.81 20.79 40.77
C THR A 23 21.79 20.86 42.29
N PRO A 24 20.60 20.93 42.89
CA PRO A 24 20.52 20.92 44.36
C PRO A 24 21.22 19.74 45.00
N GLY A 25 21.39 18.64 44.29
CA GLY A 25 22.01 17.46 44.87
C GLY A 25 23.47 17.27 44.51
N GLY A 26 24.01 18.11 43.64
CA GLY A 26 25.39 17.99 43.22
C GLY A 26 25.56 18.20 41.74
N PRO A 27 26.80 18.14 41.26
CA PRO A 27 27.07 18.46 39.85
C PRO A 27 26.64 17.34 38.91
N VAL A 28 26.32 17.76 37.68
CA VAL A 28 25.96 16.85 36.59
C VAL A 28 26.62 17.35 35.33
N SER A 29 27.12 16.42 34.51
CA SER A 29 27.70 16.77 33.22
C SER A 29 26.61 16.78 32.16
N ALA A 30 26.60 17.82 31.33
CA ALA A 30 25.62 17.96 30.27
C ALA A 30 26.34 18.22 28.95
N PHE A 31 25.95 17.49 27.91
CA PHE A 31 26.45 17.69 26.56
C PHE A 31 25.24 18.02 25.70
N LEU A 32 24.91 19.31 25.60
CA LEU A 32 23.70 19.79 24.96
C LEU A 32 24.01 20.33 23.58
N GLY A 33 23.19 19.96 22.60
CA GLY A 33 23.40 20.42 21.24
C GLY A 33 24.42 19.63 20.46
N ILE A 34 24.42 18.31 20.62
CA ILE A 34 25.30 17.44 19.84
C ILE A 34 24.65 17.18 18.49
N PRO A 35 25.31 17.51 17.38
CA PRO A 35 24.73 17.20 16.06
C PRO A 35 24.79 15.70 15.80
N PHE A 36 23.64 15.13 15.45
CA PHE A 36 23.59 13.73 15.07
C PHE A 36 23.17 13.51 13.62
N ALA A 37 22.76 14.55 12.91
CA ALA A 37 22.45 14.45 11.50
C ALA A 37 22.98 15.68 10.78
N GLU A 38 23.10 15.56 9.47
CA GLU A 38 23.36 16.73 8.65
C GLU A 38 22.12 17.60 8.63
N PRO A 39 22.28 18.93 8.68
CA PRO A 39 21.10 19.82 8.71
C PRO A 39 20.21 19.59 7.50
N PRO A 40 18.94 19.21 7.74
CA PRO A 40 18.03 18.96 6.61
C PRO A 40 17.59 20.26 5.94
N MET A 41 18.53 20.98 5.37
CA MET A 41 18.30 22.29 4.78
C MET A 41 18.10 22.17 3.27
N GLY A 42 17.35 23.12 2.72
CA GLY A 42 17.24 23.28 1.29
C GLY A 42 16.85 22.03 0.53
N PRO A 43 17.80 21.46 -0.21
CA PRO A 43 17.52 20.23 -0.96
C PRO A 43 17.19 19.04 -0.08
N ARG A 44 17.50 19.10 1.21
CA ARG A 44 17.27 17.98 2.12
C ARG A 44 15.97 18.09 2.90
N ARG A 45 15.21 19.18 2.73
CA ARG A 45 13.90 19.28 3.34
C ARG A 45 13.02 18.13 2.86
N PHE A 46 12.30 17.51 3.79
CA PHE A 46 11.42 16.35 3.61
C PHE A 46 12.18 15.05 3.40
N LEU A 47 13.51 15.07 3.33
CA LEU A 47 14.27 13.86 3.08
C LEU A 47 14.64 13.17 4.37
N PRO A 48 14.91 11.86 4.33
CA PRO A 48 15.38 11.17 5.52
C PRO A 48 16.68 11.80 6.01
N PRO A 49 16.97 11.70 7.30
CA PRO A 49 18.18 12.31 7.83
C PRO A 49 19.42 11.55 7.37
N GLU A 50 20.50 12.29 7.16
CA GLU A 50 21.77 11.67 6.89
C GLU A 50 22.67 11.78 8.13
N PRO A 51 23.46 10.76 8.43
CA PRO A 51 24.31 10.81 9.62
C PRO A 51 25.28 11.99 9.54
N LYS A 52 25.55 12.59 10.70
CA LYS A 52 26.48 13.71 10.77
C LYS A 52 27.87 13.26 10.34
N GLN A 53 28.44 13.97 9.37
CA GLN A 53 29.77 13.63 8.90
C GLN A 53 30.82 13.99 9.97
N PRO A 54 31.90 13.22 10.06
CA PRO A 54 32.91 13.50 11.10
C PRO A 54 33.52 14.88 10.95
N TRP A 55 34.02 15.39 12.07
CA TRP A 55 34.59 16.73 12.13
C TRP A 55 35.93 16.68 12.86
N SER A 56 36.81 17.60 12.49
CA SER A 56 38.03 17.82 13.25
C SER A 56 37.82 18.96 14.24
N GLY A 57 38.70 19.02 15.24
CA GLY A 57 38.53 19.98 16.30
C GLY A 57 37.50 19.53 17.31
N VAL A 58 37.13 20.46 18.19
CA VAL A 58 36.23 20.19 19.30
C VAL A 58 34.93 20.95 19.09
N VAL A 59 33.82 20.23 19.11
CA VAL A 59 32.49 20.85 19.03
C VAL A 59 32.03 21.20 20.43
N ASP A 60 31.61 22.45 20.62
CA ASP A 60 31.08 22.90 21.91
C ASP A 60 29.64 22.44 22.02
N ALA A 61 29.40 21.40 22.81
CA ALA A 61 28.05 20.97 23.15
C ALA A 61 27.68 21.54 24.52
N THR A 62 27.45 22.86 24.53
CA THR A 62 27.33 23.62 25.76
C THR A 62 26.00 24.34 25.93
N THR A 63 25.08 24.22 24.97
CA THR A 63 23.75 24.80 25.12
C THR A 63 22.80 24.11 24.17
N PHE A 64 21.51 24.17 24.51
CA PHE A 64 20.47 23.62 23.65
C PHE A 64 20.51 24.30 22.29
N GLN A 65 20.28 23.53 21.24
CA GLN A 65 20.28 24.07 19.88
C GLN A 65 18.88 24.54 19.52
N SER A 66 18.69 24.90 18.24
CA SER A 66 17.44 25.50 17.80
C SER A 66 16.28 24.52 17.89
N VAL A 67 15.08 25.08 18.05
CA VAL A 67 13.84 24.31 17.99
C VAL A 67 13.47 24.10 16.52
N CYS A 68 13.08 22.88 16.18
CA CYS A 68 12.64 22.60 14.81
C CYS A 68 11.47 23.51 14.46
N TYR A 69 11.48 24.04 13.23
CA TYR A 69 10.47 25.00 12.82
C TYR A 69 9.08 24.44 13.04
N GLN A 70 8.20 25.26 13.62
CA GLN A 70 6.91 24.75 14.07
C GLN A 70 5.98 25.92 14.34
N TYR A 71 4.69 25.61 14.35
CA TYR A 71 3.67 26.57 14.73
C TYR A 71 3.84 26.98 16.18
N VAL A 72 3.60 28.26 16.46
CA VAL A 72 3.69 28.81 17.81
C VAL A 72 2.28 29.16 18.28
N ASP A 73 1.89 28.64 19.43
CA ASP A 73 0.51 28.76 19.91
C ASP A 73 0.27 30.15 20.47
N THR A 74 -0.89 30.72 20.10
CA THR A 74 -1.24 32.09 20.47
C THR A 74 -2.61 32.18 21.13
N LEU A 75 -3.14 31.07 21.65
CA LEU A 75 -4.48 31.09 22.21
C LEU A 75 -4.57 32.02 23.42
N TYR A 76 -3.65 31.87 24.38
CA TYR A 76 -3.59 32.71 25.57
C TYR A 76 -2.19 33.30 25.65
N PRO A 77 -1.92 34.38 24.93
CA PRO A 77 -0.56 34.94 24.91
C PRO A 77 -0.09 35.33 26.30
N GLY A 78 1.14 34.94 26.63
CA GLY A 78 1.73 35.22 27.92
C GLY A 78 1.25 34.33 29.05
N PHE A 79 0.27 33.48 28.82
CA PHE A 79 -0.22 32.58 29.86
C PHE A 79 0.78 31.46 30.11
N GLU A 80 1.11 31.23 31.38
CA GLU A 80 2.11 30.21 31.71
C GLU A 80 1.69 28.82 31.22
N GLY A 81 0.40 28.50 31.32
CA GLY A 81 -0.04 27.17 30.97
C GLY A 81 0.21 26.80 29.52
N THR A 82 0.23 27.78 28.63
CA THR A 82 0.49 27.53 27.22
C THR A 82 1.92 27.87 26.82
N GLU A 83 2.50 28.95 27.35
CA GLU A 83 3.85 29.35 26.96
C GLU A 83 4.90 28.31 27.35
N MET A 84 4.63 27.49 28.36
CA MET A 84 5.59 26.46 28.76
C MET A 84 5.83 25.43 27.67
N TRP A 85 4.91 25.28 26.72
CA TRP A 85 5.05 24.33 25.63
C TRP A 85 5.62 24.96 24.36
N ASN A 86 5.73 26.28 24.31
CA ASN A 86 6.19 26.99 23.13
C ASN A 86 7.71 26.94 23.03
N PRO A 87 8.28 27.22 21.85
CA PRO A 87 9.74 27.18 21.71
C PRO A 87 10.43 28.18 22.62
N ASN A 88 11.49 27.72 23.28
CA ASN A 88 12.36 28.59 24.06
C ASN A 88 13.74 28.75 23.41
N ARG A 89 13.86 28.40 22.14
CA ARG A 89 15.01 28.71 21.31
C ARG A 89 14.49 29.17 19.96
N GLU A 90 15.39 29.73 19.15
CA GLU A 90 14.97 30.22 17.85
C GLU A 90 14.55 29.06 16.95
N LEU A 91 13.64 29.35 16.02
CA LEU A 91 13.18 28.34 15.08
C LEU A 91 14.18 28.20 13.94
N SER A 92 14.46 26.96 13.55
CA SER A 92 15.36 26.69 12.45
C SER A 92 15.13 25.26 11.96
N GLU A 93 15.27 25.06 10.64
CA GLU A 93 15.29 23.71 10.10
C GLU A 93 16.59 23.00 10.41
N ASP A 94 17.63 23.75 10.76
CA ASP A 94 18.89 23.21 11.28
C ASP A 94 18.67 22.94 12.77
N CYS A 95 18.04 21.80 13.05
CA CYS A 95 17.58 21.50 14.40
C CYS A 95 17.88 20.09 14.89
N LEU A 96 18.56 19.26 14.09
CA LEU A 96 18.75 17.85 14.45
C LEU A 96 19.95 17.72 15.38
N TYR A 97 19.70 17.99 16.66
CA TYR A 97 20.70 17.91 17.71
C TYR A 97 20.12 17.15 18.89
N LEU A 98 20.98 16.50 19.66
CA LEU A 98 20.54 15.76 20.85
C LEU A 98 21.36 16.20 22.06
N ASN A 99 20.93 15.73 23.23
CA ASN A 99 21.52 16.12 24.50
C ASN A 99 21.79 14.87 25.32
N VAL A 100 22.91 14.89 26.05
CA VAL A 100 23.28 13.82 26.96
C VAL A 100 23.57 14.41 28.33
N TRP A 101 22.90 13.90 29.36
CA TRP A 101 23.20 14.21 30.74
C TRP A 101 23.79 12.97 31.39
N THR A 102 24.91 13.15 32.10
CA THR A 102 25.58 12.04 32.77
C THR A 102 26.05 12.51 34.13
N PRO A 103 26.21 11.58 35.09
CA PRO A 103 26.69 11.98 36.41
C PRO A 103 28.10 12.55 36.38
N TYR A 104 28.41 13.34 37.39
CA TYR A 104 29.72 13.96 37.58
C TYR A 104 30.30 13.48 38.90
N PRO A 105 31.33 12.63 38.91
CA PRO A 105 32.10 12.13 37.75
C PRO A 105 31.35 11.10 36.91
N ARG A 106 31.81 10.91 35.66
CA ARG A 106 31.24 9.94 34.74
C ARG A 106 31.22 8.55 35.39
N PRO A 107 30.21 7.74 35.10
CA PRO A 107 30.14 6.41 35.71
C PRO A 107 31.37 5.57 35.42
N THR A 108 31.80 4.81 36.43
CA THR A 108 32.90 3.88 36.30
C THR A 108 32.46 2.62 35.54
N SER A 109 31.23 2.19 35.77
CA SER A 109 30.64 1.01 35.15
C SER A 109 29.48 1.41 34.26
N PRO A 110 29.12 0.58 33.27
CA PRO A 110 28.01 0.94 32.38
C PRO A 110 26.72 1.21 33.14
N THR A 111 26.08 2.33 32.80
CA THR A 111 24.91 2.86 33.50
C THR A 111 23.69 2.85 32.59
N PRO A 112 22.52 2.45 33.11
CA PRO A 112 21.32 2.41 32.29
C PRO A 112 20.93 3.79 31.76
N VAL A 113 20.36 3.80 30.56
CA VAL A 113 20.10 5.02 29.80
C VAL A 113 18.59 5.22 29.67
N LEU A 114 18.14 6.43 29.95
CA LEU A 114 16.78 6.87 29.63
C LEU A 114 16.83 7.80 28.44
N VAL A 115 15.97 7.55 27.44
CA VAL A 115 15.92 8.36 26.22
C VAL A 115 14.52 8.96 26.12
N TRP A 116 14.45 10.30 26.15
CA TRP A 116 13.19 11.02 26.16
C TRP A 116 12.81 11.46 24.76
N ILE A 117 11.53 11.26 24.42
CA ILE A 117 10.96 11.74 23.16
C ILE A 117 9.80 12.67 23.53
N TYR A 118 9.95 13.95 23.21
CA TYR A 118 8.93 14.92 23.59
C TYR A 118 7.66 14.73 22.76
N GLY A 119 6.56 15.26 23.29
CA GLY A 119 5.31 15.30 22.57
C GLY A 119 5.04 16.68 21.96
N GLY A 120 3.80 16.87 21.52
CA GLY A 120 3.42 18.10 20.87
C GLY A 120 2.61 17.86 19.62
N GLY A 121 1.91 16.74 19.57
CA GLY A 121 1.02 16.43 18.46
C GLY A 121 1.69 16.25 17.13
N PHE A 122 2.99 15.93 17.12
CA PHE A 122 3.81 15.80 15.92
C PHE A 122 3.92 17.10 15.13
N TYR A 123 3.42 18.21 15.67
CA TYR A 123 3.55 19.51 15.03
C TYR A 123 4.37 20.50 15.84
N SER A 124 4.77 20.17 17.07
CA SER A 124 5.48 21.10 17.93
C SER A 124 6.31 20.31 18.93
N GLY A 125 6.96 21.03 19.83
CA GLY A 125 7.80 20.45 20.86
C GLY A 125 9.28 20.72 20.62
N ALA A 126 10.05 20.47 21.67
CA ALA A 126 11.50 20.66 21.65
C ALA A 126 12.08 20.02 22.91
N SER A 127 13.29 19.46 22.77
CA SER A 127 13.95 18.85 23.91
C SER A 127 14.52 19.88 24.88
N SER A 128 14.46 21.17 24.53
CA SER A 128 15.05 22.23 25.35
C SER A 128 14.06 22.81 26.35
N LEU A 129 12.80 22.39 26.33
CA LEU A 129 11.81 22.94 27.24
C LEU A 129 12.24 22.74 28.68
N ASP A 130 11.98 23.76 29.51
CA ASP A 130 12.35 23.71 30.92
C ASP A 130 11.81 22.46 31.61
N VAL A 131 10.63 22.01 31.18
CA VAL A 131 9.99 20.85 31.81
C VAL A 131 10.62 19.53 31.40
N TYR A 132 11.54 19.52 30.44
CA TYR A 132 12.26 18.32 30.05
C TYR A 132 13.71 18.35 30.53
N ASP A 133 14.05 19.25 31.45
CA ASP A 133 15.41 19.36 31.98
C ASP A 133 15.82 18.06 32.65
N GLY A 134 16.86 17.42 32.13
CA GLY A 134 17.28 16.13 32.61
C GLY A 134 18.23 16.11 33.78
N ARG A 135 18.60 17.28 34.31
CA ARG A 135 19.65 17.32 35.33
C ARG A 135 19.20 16.69 36.65
N PHE A 136 17.91 16.79 36.98
CA PHE A 136 17.44 16.30 38.28
C PHE A 136 17.34 14.77 38.28
N LEU A 137 16.83 14.19 37.20
CA LEU A 137 16.77 12.73 37.09
C LEU A 137 18.15 12.11 37.20
N VAL A 138 19.11 12.67 36.44
CA VAL A 138 20.46 12.11 36.42
C VAL A 138 21.11 12.20 37.79
N GLN A 139 20.89 13.31 38.49
CA GLN A 139 21.47 13.47 39.82
C GLN A 139 20.80 12.55 40.82
N ALA A 140 19.47 12.51 40.83
CA ALA A 140 18.75 11.76 41.85
C ALA A 140 18.92 10.25 41.67
N GLU A 141 18.90 9.77 40.43
CA GLU A 141 18.84 8.33 40.18
C GLU A 141 20.06 7.77 39.47
N ARG A 142 21.04 8.61 39.12
CA ARG A 142 22.32 8.15 38.58
C ARG A 142 22.16 7.32 37.31
N THR A 143 21.32 7.81 36.40
CA THR A 143 21.24 7.26 35.05
C THR A 143 21.87 8.25 34.08
N VAL A 144 22.03 7.79 32.85
CA VAL A 144 22.34 8.67 31.72
C VAL A 144 21.02 9.00 31.04
N LEU A 145 20.78 10.27 30.76
CA LEU A 145 19.56 10.70 30.08
C LEU A 145 19.93 11.31 28.73
N VAL A 146 19.25 10.86 27.68
CA VAL A 146 19.39 11.40 26.34
C VAL A 146 18.04 11.94 25.90
N SER A 147 18.05 13.03 25.15
CA SER A 147 16.87 13.52 24.46
C SER A 147 17.31 14.11 23.13
N MET A 148 16.43 14.00 22.13
CA MET A 148 16.74 14.48 20.80
C MET A 148 15.64 15.41 20.32
N ASN A 149 16.00 16.26 19.36
CA ASN A 149 15.03 16.99 18.57
C ASN A 149 14.74 16.20 17.31
N TYR A 150 13.48 16.21 16.89
CA TYR A 150 13.07 15.59 15.64
C TYR A 150 12.14 16.55 14.93
N ARG A 151 12.15 16.49 13.59
CA ARG A 151 11.38 17.45 12.81
C ARG A 151 9.89 17.21 12.96
N VAL A 152 9.14 18.30 13.08
CA VAL A 152 7.71 18.27 13.34
C VAL A 152 6.99 18.94 12.18
N GLY A 153 5.66 18.98 12.22
CA GLY A 153 4.88 19.64 11.19
C GLY A 153 5.12 19.03 9.82
N ALA A 154 5.02 19.89 8.79
CA ALA A 154 5.24 19.43 7.42
C ALA A 154 6.68 18.97 7.22
N PHE A 155 7.63 19.61 7.90
CA PHE A 155 9.04 19.29 7.72
C PHE A 155 9.38 17.88 8.20
N GLY A 156 8.55 17.30 9.05
CA GLY A 156 8.85 15.97 9.56
C GLY A 156 7.89 14.90 9.09
N PHE A 157 6.68 15.30 8.67
CA PHE A 157 5.64 14.31 8.40
C PHE A 157 4.76 14.60 7.20
N LEU A 158 5.01 15.65 6.42
CA LEU A 158 4.33 15.76 5.13
C LEU A 158 4.73 14.58 4.28
N ALA A 159 3.75 13.88 3.72
CA ALA A 159 4.00 12.66 2.98
C ALA A 159 3.27 12.69 1.65
N LEU A 160 4.01 12.46 0.57
CA LEU A 160 3.45 12.05 -0.71
C LEU A 160 3.85 10.59 -0.88
N PRO A 161 3.04 9.65 -0.39
CA PRO A 161 3.47 8.25 -0.33
C PRO A 161 3.87 7.72 -1.70
N GLY A 162 4.96 6.96 -1.73
CA GLY A 162 5.47 6.43 -2.98
C GLY A 162 6.64 7.22 -3.52
N SER A 163 6.57 8.54 -3.38
CA SER A 163 7.68 9.39 -3.80
C SER A 163 8.87 9.19 -2.86
N ARG A 164 10.06 9.50 -3.37
CA ARG A 164 11.26 9.53 -2.54
C ARG A 164 11.69 10.94 -2.21
N GLU A 165 11.03 11.95 -2.77
CA GLU A 165 11.32 13.33 -2.41
C GLU A 165 10.66 13.73 -1.10
N ALA A 166 9.50 13.14 -0.80
CA ALA A 166 8.79 13.40 0.46
C ALA A 166 8.09 12.11 0.88
N PRO A 167 8.87 11.11 1.31
CA PRO A 167 8.26 9.80 1.61
C PRO A 167 7.45 9.79 2.88
N GLY A 168 7.64 10.77 3.77
CA GLY A 168 6.95 10.81 5.04
C GLY A 168 7.71 10.06 6.13
N ASN A 169 7.28 10.34 7.36
CA ASN A 169 7.82 9.70 8.57
C ASN A 169 9.28 10.03 8.82
N VAL A 170 9.84 11.06 8.18
CA VAL A 170 11.25 11.35 8.40
C VAL A 170 11.50 11.86 9.81
N GLY A 171 10.48 12.45 10.44
CA GLY A 171 10.59 12.81 11.85
C GLY A 171 10.83 11.59 12.72
N LEU A 172 10.18 10.47 12.40
CA LEU A 172 10.45 9.22 13.09
C LEU A 172 11.84 8.71 12.75
N LEU A 173 12.29 8.93 11.51
CA LEU A 173 13.64 8.54 11.15
C LEU A 173 14.67 9.38 11.87
N ASP A 174 14.33 10.64 12.19
CA ASP A 174 15.22 11.46 13.03
C ASP A 174 15.44 10.80 14.38
N GLN A 175 14.37 10.38 15.03
CA GLN A 175 14.50 9.73 16.34
C GLN A 175 15.23 8.40 16.22
N ARG A 176 14.94 7.62 15.16
CA ARG A 176 15.65 6.36 14.97
C ARG A 176 17.15 6.60 14.84
N LEU A 177 17.55 7.62 14.07
CA LEU A 177 18.97 7.93 13.94
C LEU A 177 19.56 8.34 15.29
N ALA A 178 18.79 9.09 16.08
CA ALA A 178 19.24 9.44 17.42
C ALA A 178 19.40 8.19 18.29
N LEU A 179 18.50 7.23 18.14
CA LEU A 179 18.62 5.98 18.88
C LEU A 179 19.84 5.18 18.44
N GLN A 180 20.15 5.23 17.17
CA GLN A 180 21.34 4.61 16.61
C GLN A 180 22.60 5.27 17.14
N TRP A 181 22.58 6.59 17.24
CA TRP A 181 23.69 7.33 17.85
C TRP A 181 23.93 6.88 19.29
N VAL A 182 22.86 6.60 20.02
CA VAL A 182 22.99 6.16 21.41
C VAL A 182 23.71 4.82 21.47
N GLN A 183 23.33 3.88 20.59
CA GLN A 183 23.97 2.57 20.58
C GLN A 183 25.47 2.70 20.34
N GLU A 184 25.88 3.58 19.42
CA GLU A 184 27.27 3.65 19.01
C GLU A 184 28.10 4.56 19.91
N ASN A 185 27.49 5.45 20.68
CA ASN A 185 28.24 6.48 21.39
C ASN A 185 27.95 6.60 22.88
N VAL A 186 26.88 6.00 23.42
CA VAL A 186 26.50 6.30 24.79
C VAL A 186 27.53 5.74 25.77
N ALA A 187 28.29 4.72 25.38
CA ALA A 187 29.29 4.16 26.28
C ALA A 187 30.38 5.17 26.58
N ALA A 188 30.66 6.07 25.64
CA ALA A 188 31.68 7.10 25.87
C ALA A 188 31.30 8.07 26.98
N PHE A 189 30.02 8.14 27.33
CA PHE A 189 29.56 8.94 28.45
C PHE A 189 29.34 8.11 29.71
N GLY A 190 29.64 6.82 29.67
CA GLY A 190 29.38 5.93 30.78
C GLY A 190 28.05 5.21 30.73
N GLY A 191 27.31 5.33 29.63
CA GLY A 191 26.01 4.71 29.53
C GLY A 191 26.09 3.29 28.98
N ASP A 192 25.10 2.48 29.35
CA ASP A 192 25.05 1.07 28.94
C ASP A 192 24.17 0.95 27.71
N PRO A 193 24.73 0.67 26.52
CA PRO A 193 23.89 0.49 25.33
C PRO A 193 23.01 -0.75 25.38
N THR A 194 23.20 -1.63 26.37
CA THR A 194 22.38 -2.82 26.51
C THR A 194 21.27 -2.64 27.54
N SER A 195 21.07 -1.42 28.05
CA SER A 195 20.02 -1.11 29.02
C SER A 195 19.48 0.28 28.68
N VAL A 196 18.68 0.36 27.63
CA VAL A 196 18.16 1.62 27.11
C VAL A 196 16.65 1.59 27.21
N THR A 197 16.08 2.59 27.90
CA THR A 197 14.64 2.69 28.11
C THR A 197 14.12 3.95 27.43
N LEU A 198 13.24 3.77 26.46
CA LEU A 198 12.54 4.90 25.85
C LEU A 198 11.40 5.36 26.75
N PHE A 199 11.25 6.66 26.91
CA PHE A 199 10.03 7.19 27.49
C PHE A 199 9.66 8.49 26.80
N GLY A 200 8.36 8.72 26.70
CA GLY A 200 7.82 9.87 26.00
C GLY A 200 6.41 10.11 26.46
N GLU A 201 5.88 11.26 26.08
CA GLU A 201 4.56 11.69 26.51
C GLU A 201 3.79 12.21 25.31
N SER A 202 2.48 11.93 25.28
CA SER A 202 1.64 12.38 24.19
C SER A 202 2.21 11.82 22.90
N ALA A 203 2.37 12.67 21.89
CA ALA A 203 2.95 12.20 20.63
C ALA A 203 4.31 11.57 20.84
N GLY A 204 5.02 11.92 21.91
CA GLY A 204 6.24 11.21 22.25
C GLY A 204 5.97 9.78 22.67
N ALA A 205 4.89 9.55 23.42
CA ALA A 205 4.51 8.19 23.77
C ALA A 205 4.07 7.42 22.53
N ALA A 206 3.32 8.07 21.63
CA ALA A 206 2.97 7.43 20.37
C ALA A 206 4.21 7.05 19.58
N SER A 207 5.22 7.94 19.57
CA SER A 207 6.47 7.62 18.90
C SER A 207 7.14 6.40 19.52
N VAL A 208 7.17 6.34 20.85
CA VAL A 208 7.76 5.20 21.55
C VAL A 208 7.08 3.91 21.10
N GLY A 209 5.75 3.94 20.98
CA GLY A 209 5.03 2.75 20.55
C GLY A 209 5.32 2.35 19.12
N MET A 210 5.53 3.33 18.24
CA MET A 210 5.83 3.02 16.84
C MET A 210 7.23 2.44 16.68
N HIS A 211 8.18 2.83 17.53
CA HIS A 211 9.46 2.15 17.56
C HIS A 211 9.32 0.71 18.01
N LEU A 212 8.36 0.44 18.90
CA LEU A 212 8.11 -0.93 19.34
C LEU A 212 7.60 -1.79 18.19
N LEU A 213 6.78 -1.21 17.32
CA LEU A 213 6.15 -1.95 16.23
C LEU A 213 6.93 -1.87 14.93
N SER A 214 8.08 -1.21 14.93
CA SER A 214 8.96 -1.18 13.76
C SER A 214 10.20 -2.00 14.05
N PRO A 215 10.43 -3.11 13.35
CA PRO A 215 11.57 -3.99 13.66
C PRO A 215 12.91 -3.28 13.62
N PRO A 216 13.18 -2.40 12.63
CA PRO A 216 14.50 -1.76 12.62
C PRO A 216 14.81 -0.94 13.86
N SER A 217 13.79 -0.41 14.53
CA SER A 217 14.01 0.31 15.78
C SER A 217 14.01 -0.60 17.00
N ARG A 218 13.35 -1.75 16.91
CA ARG A 218 13.14 -2.59 18.09
C ARG A 218 14.45 -3.08 18.68
N GLY A 219 15.49 -3.21 17.86
CA GLY A 219 16.78 -3.62 18.37
C GLY A 219 17.61 -2.55 19.04
N LEU A 220 17.10 -1.32 19.11
CA LEU A 220 17.85 -0.19 19.64
C LEU A 220 17.51 0.13 21.10
N PHE A 221 16.53 -0.56 21.68
CA PHE A 221 16.16 -0.32 23.07
C PHE A 221 15.56 -1.60 23.64
N HIS A 222 15.31 -1.58 24.95
CA HIS A 222 14.89 -2.77 25.67
C HIS A 222 13.63 -2.58 26.50
N ARG A 223 13.30 -1.36 26.91
CA ARG A 223 12.09 -1.10 27.69
C ARG A 223 11.45 0.19 27.21
N ALA A 224 10.17 0.34 27.51
CA ALA A 224 9.39 1.45 26.98
C ALA A 224 8.47 2.00 28.05
N VAL A 225 8.31 3.32 28.06
CA VAL A 225 7.37 4.01 28.93
C VAL A 225 6.53 4.92 28.06
N LEU A 226 5.20 4.76 28.12
CA LEU A 226 4.26 5.53 27.32
C LEU A 226 3.35 6.31 28.25
N GLN A 227 3.50 7.64 28.25
CA GLN A 227 2.76 8.51 29.15
C GLN A 227 1.71 9.26 28.34
N SER A 228 0.44 9.00 28.63
CA SER A 228 -0.69 9.74 28.03
C SER A 228 -0.64 9.70 26.50
N GLY A 229 -0.32 8.54 25.94
CA GLY A 229 -0.24 8.41 24.51
C GLY A 229 -0.02 6.99 24.04
N ALA A 230 -0.47 6.69 22.82
CA ALA A 230 -0.37 5.35 22.28
C ALA A 230 -0.23 5.46 20.76
N PRO A 231 0.43 4.49 20.12
CA PRO A 231 0.52 4.53 18.65
C PRO A 231 -0.82 4.28 17.95
N ASN A 232 -1.79 3.69 18.64
CA ASN A 232 -3.03 3.24 18.01
C ASN A 232 -4.18 4.22 18.18
N GLY A 233 -3.93 5.42 18.68
CA GLY A 233 -4.99 6.40 18.82
C GLY A 233 -5.48 6.91 17.48
N PRO A 234 -6.64 7.58 17.47
CA PRO A 234 -7.21 8.08 16.21
C PRO A 234 -6.53 9.34 15.67
N TRP A 235 -5.46 9.81 16.30
CA TRP A 235 -4.77 11.03 15.88
C TRP A 235 -3.30 10.83 15.53
N ALA A 236 -2.70 9.70 15.92
CA ALA A 236 -1.25 9.53 15.79
C ALA A 236 -0.81 9.07 14.41
N THR A 237 -1.69 8.43 13.65
CA THR A 237 -1.36 8.00 12.31
C THR A 237 -2.42 8.47 11.33
N VAL A 238 -2.10 8.36 10.04
CA VAL A 238 -2.99 8.76 8.97
C VAL A 238 -2.76 7.83 7.79
N GLY A 239 -3.79 7.65 6.97
CA GLY A 239 -3.68 6.79 5.81
C GLY A 239 -2.89 7.42 4.68
N MET A 240 -2.47 6.58 3.74
CA MET A 240 -1.66 7.04 2.62
C MET A 240 -2.42 8.08 1.79
N GLY A 241 -3.68 7.79 1.48
CA GLY A 241 -4.44 8.70 0.65
C GLY A 241 -4.76 10.02 1.33
N GLU A 242 -5.06 9.98 2.62
CA GLU A 242 -5.32 11.21 3.35
C GLU A 242 -4.05 12.02 3.56
N ALA A 243 -2.91 11.35 3.75
CA ALA A 243 -1.63 12.06 3.82
C ALA A 243 -1.34 12.81 2.53
N ARG A 244 -1.57 12.16 1.38
CA ARG A 244 -1.30 12.82 0.11
C ARG A 244 -2.29 13.95 -0.14
N ARG A 245 -3.54 13.79 0.31
CA ARG A 245 -4.51 14.86 0.14
C ARG A 245 -4.12 16.10 0.95
N ARG A 246 -3.61 15.89 2.17
CA ARG A 246 -3.16 17.03 2.97
C ARG A 246 -1.89 17.65 2.37
N ALA A 247 -0.94 16.81 1.96
CA ALA A 247 0.28 17.33 1.34
C ALA A 247 -0.04 18.08 0.07
N THR A 248 -0.92 17.53 -0.78
CA THR A 248 -1.27 18.20 -2.03
C THR A 248 -1.97 19.53 -1.76
N GLN A 249 -2.82 19.58 -0.73
CA GLN A 249 -3.56 20.82 -0.46
C GLN A 249 -2.66 21.88 0.16
N LEU A 250 -1.72 21.47 1.02
CA LEU A 250 -0.74 22.43 1.52
C LEU A 250 0.04 23.05 0.38
N ALA A 251 0.50 22.21 -0.56
CA ALA A 251 1.21 22.72 -1.73
C ALA A 251 0.33 23.66 -2.54
N HIS A 252 -0.94 23.31 -2.72
CA HIS A 252 -1.86 24.18 -3.46
C HIS A 252 -2.01 25.52 -2.77
N LEU A 253 -2.07 25.52 -1.43
CA LEU A 253 -2.28 26.75 -0.68
C LEU A 253 -1.07 27.67 -0.73
N VAL A 254 0.11 27.15 -1.06
CA VAL A 254 1.32 27.96 -1.14
C VAL A 254 1.79 28.13 -2.58
N GLY A 255 0.95 27.80 -3.56
CA GLY A 255 1.27 28.03 -4.96
C GLY A 255 2.03 26.92 -5.65
N CYS A 256 1.80 25.67 -5.27
CA CYS A 256 2.52 24.52 -5.84
C CYS A 256 1.52 23.47 -6.27
N PRO A 257 1.42 23.13 -7.56
CA PRO A 257 2.21 23.79 -8.62
C PRO A 257 1.53 25.05 -9.13
N PRO A 258 2.27 25.93 -9.82
CA PRO A 258 1.63 27.11 -10.41
C PRO A 258 1.00 26.80 -11.78
N GLY A 262 -1.73 19.09 -8.07
CA GLY A 262 -0.90 17.91 -7.89
C GLY A 262 0.15 17.74 -8.97
N GLY A 263 0.12 16.59 -9.64
CA GLY A 263 0.98 16.34 -10.78
C GLY A 263 2.20 15.50 -10.47
N ASN A 264 3.36 15.83 -11.05
CA ASN A 264 4.62 15.13 -10.81
C ASN A 264 4.99 15.39 -9.38
N ASP A 265 5.35 14.37 -8.66
CA ASP A 265 5.68 14.51 -7.25
C ASP A 265 6.99 15.28 -7.07
N THR A 266 7.96 15.06 -7.95
CA THR A 266 9.25 15.73 -7.81
C THR A 266 9.10 17.24 -7.98
N GLU A 267 8.36 17.67 -9.00
CA GLU A 267 8.14 19.10 -9.19
C GLU A 267 7.32 19.70 -8.06
N LEU A 268 6.37 18.93 -7.54
CA LEU A 268 5.59 19.41 -6.40
C LEU A 268 6.47 19.65 -5.18
N VAL A 269 7.30 18.66 -4.83
CA VAL A 269 8.17 18.80 -3.67
C VAL A 269 9.22 19.88 -3.91
N ALA A 270 9.80 19.91 -5.11
CA ALA A 270 10.78 20.94 -5.43
C ALA A 270 10.18 22.33 -5.31
N CYS A 271 8.91 22.48 -5.68
CA CYS A 271 8.23 23.75 -5.46
C CYS A 271 8.05 24.03 -3.97
N LEU A 272 7.73 23.00 -3.19
CA LEU A 272 7.59 23.18 -1.75
C LEU A 272 8.93 23.56 -1.12
N ARG A 273 10.02 23.01 -1.65
CA ARG A 273 11.34 23.26 -1.07
C ARG A 273 11.78 24.71 -1.23
N THR A 274 11.23 25.43 -2.20
CA THR A 274 11.57 26.84 -2.39
C THR A 274 10.79 27.77 -1.46
N ARG A 275 9.80 27.26 -0.75
CA ARG A 275 8.96 28.11 0.07
C ARG A 275 9.62 28.36 1.43
N PRO A 276 9.56 29.59 1.94
CA PRO A 276 10.06 29.85 3.28
C PRO A 276 9.35 28.99 4.30
N ALA A 277 10.10 28.53 5.30
CA ALA A 277 9.56 27.62 6.31
C ALA A 277 8.29 28.18 6.95
N GLN A 278 8.30 29.47 7.29
CA GLN A 278 7.14 30.07 7.95
C GLN A 278 5.91 30.08 7.05
N VAL A 279 6.10 30.13 5.72
CA VAL A 279 4.95 30.12 4.82
C VAL A 279 4.22 28.78 4.91
N LEU A 280 4.97 27.68 5.00
CA LEU A 280 4.33 26.38 5.18
C LEU A 280 3.61 26.32 6.52
N VAL A 281 4.24 26.84 7.58
CA VAL A 281 3.63 26.80 8.90
C VAL A 281 2.33 27.61 8.93
N ASN A 282 2.31 28.74 8.21
CA ASN A 282 1.14 29.60 8.21
C ASN A 282 -0.10 28.93 7.65
N HIS A 283 0.06 27.88 6.84
CA HIS A 283 -1.06 27.20 6.20
C HIS A 283 -1.26 25.79 6.73
N GLU A 284 -0.53 25.39 7.76
CA GLU A 284 -0.52 24.00 8.20
C GLU A 284 -1.91 23.55 8.65
N TRP A 285 -2.62 24.37 9.41
CA TRP A 285 -3.88 23.97 10.00
C TRP A 285 -5.04 23.97 9.00
N HIS A 286 -4.86 24.56 7.83
CA HIS A 286 -5.96 24.69 6.87
C HIS A 286 -6.23 23.41 6.09
N VAL A 287 -5.36 22.39 6.18
CA VAL A 287 -5.54 21.17 5.41
C VAL A 287 -6.37 20.12 6.15
N LEU A 288 -6.77 20.38 7.38
CA LEU A 288 -7.55 19.39 8.13
C LEU A 288 -8.95 19.28 7.53
N PRO A 289 -9.52 18.07 7.48
CA PRO A 289 -10.80 17.90 6.78
C PRO A 289 -11.97 18.61 7.45
N GLN A 290 -11.94 18.82 8.76
CA GLN A 290 -13.06 19.47 9.43
C GLN A 290 -12.57 20.14 10.71
N GLU A 291 -13.44 20.91 11.30
CA GLU A 291 -13.25 21.57 12.56
C GLU A 291 -13.07 20.47 13.63
N SER A 292 -12.08 20.56 14.49
CA SER A 292 -11.87 19.50 15.46
C SER A 292 -10.93 19.98 16.56
N VAL A 293 -10.88 19.18 17.63
CA VAL A 293 -9.82 19.24 18.62
C VAL A 293 -9.13 17.89 18.61
N PHE A 294 -7.87 17.89 19.05
CA PHE A 294 -7.07 16.66 19.15
C PHE A 294 -6.87 16.01 17.78
N ARG A 295 -6.73 16.83 16.74
CA ARG A 295 -6.38 16.36 15.40
C ARG A 295 -5.28 17.24 14.84
N PHE A 296 -4.32 16.63 14.18
CA PHE A 296 -3.10 17.32 13.73
C PHE A 296 -2.82 16.99 12.27
N SER A 297 -2.30 17.98 11.55
CA SER A 297 -2.25 17.91 10.10
C SER A 297 -1.29 16.83 9.60
N PHE A 298 -0.04 16.88 10.05
CA PHE A 298 1.02 16.03 9.51
C PHE A 298 1.54 15.11 10.61
N VAL A 299 1.13 13.85 10.54
CA VAL A 299 1.43 12.84 11.56
C VAL A 299 2.04 11.63 10.86
N PRO A 300 2.58 10.66 11.59
CA PRO A 300 3.08 9.44 10.94
C PRO A 300 2.05 8.83 10.00
N VAL A 301 2.52 8.37 8.85
CA VAL A 301 1.69 7.77 7.82
C VAL A 301 1.94 6.28 7.79
N VAL A 302 0.87 5.50 7.67
CA VAL A 302 0.96 4.05 7.53
C VAL A 302 1.10 3.76 6.04
N ASP A 303 2.31 3.57 5.60
CA ASP A 303 2.60 3.33 4.23
C ASP A 303 3.23 1.98 3.94
N GLY A 304 3.35 1.15 4.92
CA GLY A 304 3.96 -0.12 4.75
C GLY A 304 5.43 -0.15 4.95
N ASP A 305 6.04 0.97 5.29
CA ASP A 305 7.46 1.00 5.46
C ASP A 305 7.84 1.02 6.92
N PHE A 306 7.84 2.17 7.56
CA PHE A 306 8.17 2.24 8.95
C PHE A 306 7.13 1.43 9.72
N LEU A 307 5.88 1.58 9.33
CA LEU A 307 4.78 0.78 9.88
C LEU A 307 4.27 -0.11 8.75
N SER A 308 4.50 -1.41 8.86
CA SER A 308 4.03 -2.34 7.84
C SER A 308 2.52 -2.50 7.86
N ASP A 309 1.86 -2.12 8.96
CA ASP A 309 0.41 -2.17 9.07
C ASP A 309 -0.01 -1.11 10.08
N THR A 310 -1.32 -0.98 10.27
CA THR A 310 -1.82 -0.06 11.28
C THR A 310 -1.29 -0.49 12.65
N PRO A 311 -1.04 0.47 13.55
CA PRO A 311 -0.59 0.09 14.90
C PRO A 311 -1.54 -0.87 15.59
N GLU A 312 -2.85 -0.73 15.35
CA GLU A 312 -3.81 -1.68 15.88
C GLU A 312 -3.48 -3.10 15.43
N ALA A 313 -3.31 -3.30 14.13
CA ALA A 313 -3.03 -4.63 13.61
C ALA A 313 -1.69 -5.15 14.11
N LEU A 314 -0.66 -4.30 14.12
CA LEU A 314 0.65 -4.72 14.60
C LEU A 314 0.62 -5.10 16.07
N ILE A 315 -0.21 -4.41 16.86
CA ILE A 315 -0.33 -4.73 18.28
C ILE A 315 -1.04 -6.06 18.46
N ASN A 316 -2.17 -6.25 17.76
CA ASN A 316 -2.97 -7.45 17.94
C ASN A 316 -2.25 -8.70 17.46
N ALA A 317 -1.31 -8.57 16.54
CA ALA A 317 -0.64 -9.70 15.94
C ALA A 317 0.79 -9.89 16.41
N GLY A 318 1.26 -9.08 17.36
CA GLY A 318 2.65 -9.11 17.74
C GLY A 318 2.96 -10.02 18.92
N ASP A 319 4.18 -10.52 18.94
CA ASP A 319 4.72 -11.32 20.03
C ASP A 319 5.60 -10.41 20.89
N PHE A 320 5.21 -10.20 22.15
CA PHE A 320 5.86 -9.23 23.01
C PHE A 320 6.49 -9.87 24.24
N HIS A 321 6.77 -11.16 24.20
CA HIS A 321 7.49 -11.80 25.29
C HIS A 321 8.87 -11.18 25.45
N GLY A 322 9.30 -11.02 26.70
CA GLY A 322 10.56 -10.39 27.00
C GLY A 322 10.54 -8.88 27.06
N LEU A 323 9.38 -8.26 27.06
CA LEU A 323 9.28 -6.82 27.06
C LEU A 323 8.61 -6.31 28.29
N GLN A 324 9.10 -5.22 28.83
CA GLN A 324 8.47 -4.61 29.95
C GLN A 324 8.04 -3.22 29.52
N VAL A 325 6.82 -2.82 29.85
CA VAL A 325 6.33 -1.49 29.54
C VAL A 325 5.66 -0.89 30.70
N LEU A 326 5.74 0.41 30.77
CA LEU A 326 5.10 1.19 31.78
C LEU A 326 4.19 2.15 31.02
N VAL A 327 2.90 2.10 31.29
CA VAL A 327 1.91 2.91 30.62
C VAL A 327 1.10 3.67 31.66
N GLY A 328 0.44 4.73 31.22
CA GLY A 328 -0.40 5.47 32.15
C GLY A 328 -1.01 6.70 31.52
N VAL A 329 -1.90 7.32 32.30
CA VAL A 329 -2.65 8.51 31.91
C VAL A 329 -2.74 9.42 33.12
N VAL A 330 -3.18 10.66 32.88
CA VAL A 330 -3.51 11.56 33.99
C VAL A 330 -5.01 11.49 34.22
N LYS A 331 -5.49 12.20 35.24
CA LYS A 331 -6.88 12.01 35.68
C LYS A 331 -7.88 12.63 34.70
N ASP A 332 -7.51 13.71 34.02
CA ASP A 332 -8.42 14.43 33.13
C ASP A 332 -7.70 14.70 31.81
N GLU A 333 -7.64 13.68 30.96
CA GLU A 333 -6.87 13.81 29.72
C GLU A 333 -7.53 14.76 28.73
N GLY A 334 -8.85 14.88 28.76
CA GLY A 334 -9.56 15.60 27.72
C GLY A 334 -9.73 17.09 27.91
N SER A 335 -9.60 17.57 29.15
CA SER A 335 -10.01 18.95 29.46
C SER A 335 -9.16 19.98 28.72
N TYR A 336 -7.84 19.77 28.68
CA TYR A 336 -6.95 20.75 28.05
C TYR A 336 -7.35 21.07 26.62
N PHE A 337 -7.79 20.05 25.87
CA PHE A 337 -8.04 20.21 24.45
C PHE A 337 -9.38 20.88 24.15
N LEU A 338 -10.30 20.91 25.12
CA LEU A 338 -11.62 21.46 24.86
C LEU A 338 -11.58 22.96 24.58
N VAL A 339 -10.64 23.68 25.19
CA VAL A 339 -10.58 25.14 25.02
C VAL A 339 -9.95 25.50 23.68
N TYR A 340 -9.69 24.52 22.87
CA TYR A 340 -9.12 24.73 21.58
C TYR A 340 -10.13 24.55 20.49
N GLY A 341 -11.40 24.68 20.77
CA GLY A 341 -12.38 24.53 19.74
C GLY A 341 -13.74 24.00 20.07
N ALA A 342 -13.94 23.43 21.23
CA ALA A 342 -15.23 22.94 21.59
C ALA A 342 -16.04 24.13 22.01
N PRO A 343 -17.24 24.27 21.51
CA PRO A 343 -18.06 25.42 21.83
C PRO A 343 -18.44 25.52 23.27
N GLY A 344 -18.32 26.69 23.83
CA GLY A 344 -18.68 26.90 25.22
C GLY A 344 -17.52 26.87 26.19
N PHE A 345 -16.32 26.53 25.73
CA PHE A 345 -15.20 26.24 26.60
C PHE A 345 -14.18 27.37 26.61
N SER A 346 -13.65 27.64 27.80
CA SER A 346 -12.62 28.65 28.00
C SER A 346 -11.94 28.35 29.33
N LYS A 347 -10.65 28.64 29.40
CA LYS A 347 -9.97 28.55 30.68
C LYS A 347 -10.37 29.66 31.63
N ASP A 348 -11.08 30.68 31.15
CA ASP A 348 -11.36 31.88 31.93
C ASP A 348 -12.76 31.93 32.52
N ASN A 349 -13.64 30.99 32.15
CA ASN A 349 -14.89 30.82 32.86
C ASN A 349 -15.08 29.33 33.18
N GLU A 350 -16.18 29.01 33.86
CA GLU A 350 -16.38 27.64 34.34
C GLU A 350 -16.75 26.66 33.23
N SER A 351 -17.00 27.14 32.02
CA SER A 351 -17.30 26.29 30.87
C SER A 351 -18.48 25.37 31.15
N LEU A 352 -19.53 25.92 31.77
CA LEU A 352 -20.75 25.19 32.06
C LEU A 352 -21.62 25.21 30.81
N ILE A 353 -21.44 24.21 29.96
CA ILE A 353 -22.01 24.24 28.61
C ILE A 353 -23.46 23.76 28.64
N SER A 354 -24.17 24.07 27.57
CA SER A 354 -25.54 23.63 27.39
C SER A 354 -25.57 22.28 26.67
N ARG A 355 -26.73 21.63 26.73
CA ARG A 355 -26.94 20.37 26.01
C ARG A 355 -26.63 20.55 24.52
N ALA A 356 -27.12 21.65 23.93
CA ALA A 356 -26.84 21.92 22.53
C ALA A 356 -25.35 22.07 22.27
N GLU A 357 -24.64 22.73 23.18
CA GLU A 357 -23.19 22.85 23.04
C GLU A 357 -22.49 21.51 23.23
N PHE A 358 -23.06 20.63 24.07
CA PHE A 358 -22.50 19.30 24.25
C PHE A 358 -22.60 18.50 22.96
N LEU A 359 -23.78 18.48 22.35
CA LEU A 359 -23.97 17.74 21.10
C LEU A 359 -23.06 18.29 20.00
N ALA A 360 -22.90 19.61 19.95
CA ALA A 360 -21.99 20.20 18.98
C ALA A 360 -20.55 19.81 19.26
N GLY A 361 -20.18 19.72 20.55
CA GLY A 361 -18.83 19.35 20.90
C GLY A 361 -18.49 17.91 20.58
N VAL A 362 -19.49 17.03 20.56
CA VAL A 362 -19.26 15.64 20.21
C VAL A 362 -18.73 15.52 18.78
N ARG A 363 -19.29 16.30 17.86
CA ARG A 363 -18.81 16.28 16.48
C ARG A 363 -17.43 16.89 16.36
N VAL A 364 -17.10 17.88 17.21
CA VAL A 364 -15.76 18.44 17.20
C VAL A 364 -14.76 17.49 17.83
N GLY A 365 -15.16 16.81 18.91
CA GLY A 365 -14.25 15.90 19.59
C GLY A 365 -14.14 14.53 18.96
N VAL A 366 -15.18 14.10 18.26
CA VAL A 366 -15.13 12.85 17.51
C VAL A 366 -15.37 13.15 16.03
N PRO A 367 -14.41 13.76 15.34
CA PRO A 367 -14.65 14.19 13.97
C PRO A 367 -14.57 13.05 12.97
N GLN A 368 -15.22 13.26 11.82
CA GLN A 368 -15.13 12.36 10.67
C GLN A 368 -15.71 10.98 10.97
N VAL A 369 -16.85 10.95 11.68
CA VAL A 369 -17.58 9.72 11.89
C VAL A 369 -19.03 9.94 11.47
N SER A 370 -19.71 8.84 11.18
CA SER A 370 -21.10 8.90 10.74
C SER A 370 -21.98 9.49 11.83
N ASP A 371 -23.16 9.97 11.43
CA ASP A 371 -24.13 10.47 12.40
C ASP A 371 -24.52 9.38 13.39
N LEU A 372 -24.61 8.13 12.91
CA LEU A 372 -24.94 7.03 13.81
C LEU A 372 -23.87 6.86 14.88
N ALA A 373 -22.59 6.92 14.48
CA ALA A 373 -21.51 6.81 15.46
C ALA A 373 -21.60 7.92 16.49
N ALA A 374 -21.87 9.15 16.04
CA ALA A 374 -22.04 10.25 16.97
C ALA A 374 -23.21 10.00 17.92
N GLU A 375 -24.31 9.43 17.40
CA GLU A 375 -25.44 9.10 18.27
C GLU A 375 -25.03 8.06 19.31
N ALA A 376 -24.18 7.11 18.94
CA ALA A 376 -23.70 6.12 19.89
C ALA A 376 -22.87 6.77 20.98
N VAL A 377 -22.07 7.78 20.62
CA VAL A 377 -21.31 8.54 21.61
C VAL A 377 -22.25 9.24 22.58
N VAL A 378 -23.27 9.90 22.03
CA VAL A 378 -24.21 10.64 22.88
C VAL A 378 -24.97 9.69 23.80
N LEU A 379 -25.26 8.48 23.33
CA LEU A 379 -25.98 7.53 24.18
C LEU A 379 -25.17 7.14 25.41
N HIS A 380 -23.89 6.82 25.21
CA HIS A 380 -23.08 6.31 26.30
C HIS A 380 -22.68 7.41 27.28
N TYR A 381 -22.48 8.63 26.81
CA TYR A 381 -21.96 9.70 27.66
C TYR A 381 -23.04 10.63 28.18
N THR A 382 -24.30 10.36 27.91
CA THR A 382 -25.41 11.12 28.48
C THR A 382 -25.94 10.39 29.71
N ASP A 383 -26.12 11.13 30.80
CA ASP A 383 -26.86 10.64 31.96
C ASP A 383 -28.33 10.99 31.73
N TRP A 384 -29.14 9.96 31.47
CA TRP A 384 -30.53 10.19 31.09
C TRP A 384 -31.43 10.53 32.28
N LEU A 385 -30.90 10.50 33.49
CA LEU A 385 -31.59 11.09 34.64
C LEU A 385 -31.25 12.57 34.81
N HIS A 386 -30.13 13.03 34.25
CA HIS A 386 -29.77 14.45 34.26
C HIS A 386 -29.21 14.83 32.89
N PRO A 387 -30.05 14.78 31.85
CA PRO A 387 -29.53 14.93 30.48
C PRO A 387 -29.03 16.32 30.13
N GLU A 388 -29.35 17.35 30.93
CA GLU A 388 -29.02 18.72 30.56
C GLU A 388 -28.24 19.46 31.64
N ASP A 389 -27.75 18.77 32.66
CA ASP A 389 -26.98 19.42 33.72
C ASP A 389 -25.66 19.94 33.16
N PRO A 390 -25.41 21.25 33.18
CA PRO A 390 -24.21 21.79 32.53
C PRO A 390 -22.90 21.25 33.07
N ALA A 391 -22.77 21.12 34.40
CA ALA A 391 -21.54 20.59 34.97
C ALA A 391 -21.29 19.16 34.50
N ARG A 392 -22.34 18.33 34.54
CA ARG A 392 -22.22 16.95 34.07
C ARG A 392 -21.86 16.89 32.59
N LEU A 393 -22.46 17.78 31.78
CA LEU A 393 -22.14 17.82 30.36
C LEU A 393 -20.69 18.22 30.15
N ARG A 394 -20.18 19.14 30.97
CA ARG A 394 -18.77 19.54 30.86
C ARG A 394 -17.85 18.36 31.11
N GLU A 395 -18.04 17.66 32.24
CA GLU A 395 -17.25 16.47 32.52
C GLU A 395 -17.45 15.41 31.46
N ALA A 396 -18.64 15.34 30.86
CA ALA A 396 -18.92 14.30 29.87
C ALA A 396 -18.12 14.53 28.59
N LEU A 397 -18.07 15.77 28.10
CA LEU A 397 -17.31 16.04 26.89
C LEU A 397 -15.81 15.86 27.12
N SER A 398 -15.33 16.21 28.31
CA SER A 398 -13.94 15.95 28.65
C SER A 398 -13.64 14.46 28.57
N ASP A 399 -14.54 13.63 29.11
CA ASP A 399 -14.36 12.19 29.04
C ASP A 399 -14.36 11.70 27.59
N VAL A 400 -15.31 12.21 26.79
CA VAL A 400 -15.38 11.82 25.38
C VAL A 400 -14.04 12.01 24.70
N VAL A 401 -13.49 13.22 24.82
CA VAL A 401 -12.22 13.53 24.15
C VAL A 401 -11.08 12.74 24.78
N GLY A 402 -11.08 12.61 26.11
CA GLY A 402 -9.98 11.91 26.77
C GLY A 402 -9.99 10.42 26.54
N ASP A 403 -11.17 9.79 26.63
CA ASP A 403 -11.27 8.35 26.38
C ASP A 403 -10.93 8.03 24.93
N HIS A 404 -11.50 8.79 24.00
CA HIS A 404 -11.37 8.49 22.58
C HIS A 404 -9.92 8.61 22.11
N ASN A 405 -9.18 9.58 22.63
CA ASN A 405 -7.86 9.90 22.10
C ASN A 405 -6.71 9.34 22.94
N VAL A 406 -6.89 9.13 24.25
CA VAL A 406 -5.77 8.73 25.09
C VAL A 406 -6.10 7.47 25.89
N VAL A 407 -7.11 7.55 26.76
CA VAL A 407 -7.31 6.51 27.78
C VAL A 407 -7.57 5.15 27.13
N CYS A 408 -8.52 5.10 26.21
CA CYS A 408 -8.87 3.82 25.59
C CYS A 408 -7.77 3.32 24.65
N PRO A 409 -7.12 4.17 23.86
CA PRO A 409 -5.92 3.70 23.13
C PRO A 409 -4.85 3.14 24.05
N VAL A 410 -4.57 3.81 25.17
CA VAL A 410 -3.60 3.28 26.11
C VAL A 410 -4.10 1.97 26.73
N ALA A 411 -5.38 1.91 27.06
CA ALA A 411 -5.93 0.71 27.68
C ALA A 411 -5.86 -0.49 26.73
N GLN A 412 -6.15 -0.27 25.44
CA GLN A 412 -6.06 -1.36 24.48
C GLN A 412 -4.63 -1.84 24.32
N LEU A 413 -3.69 -0.88 24.19
CA LEU A 413 -2.27 -1.23 24.08
C LEU A 413 -1.82 -2.04 25.29
N ALA A 414 -2.19 -1.59 26.49
CA ALA A 414 -1.80 -2.30 27.71
C ALA A 414 -2.35 -3.72 27.72
N GLY A 415 -3.63 -3.87 27.37
CA GLY A 415 -4.26 -5.19 27.46
C GLY A 415 -3.72 -6.18 26.45
N ARG A 416 -3.49 -5.73 25.21
CA ARG A 416 -2.99 -6.65 24.19
C ARG A 416 -1.52 -7.03 24.45
N LEU A 417 -0.71 -6.07 24.91
CA LEU A 417 0.67 -6.38 25.25
C LEU A 417 0.73 -7.40 26.38
N ALA A 418 -0.09 -7.21 27.42
CA ALA A 418 -0.09 -8.14 28.54
C ALA A 418 -0.54 -9.53 28.11
N ALA A 419 -1.58 -9.60 27.29
CA ALA A 419 -2.09 -10.88 26.83
C ALA A 419 -1.13 -11.59 25.88
N GLN A 420 -0.13 -10.91 25.36
CA GLN A 420 0.73 -11.45 24.33
C GLN A 420 2.21 -11.45 24.73
N GLY A 421 2.50 -11.59 26.03
CA GLY A 421 3.82 -11.90 26.52
C GLY A 421 4.45 -10.79 27.34
N ALA A 422 4.07 -9.56 27.14
CA ALA A 422 4.66 -8.45 27.87
C ALA A 422 4.28 -8.28 29.31
N ARG A 423 5.16 -7.68 30.03
CA ARG A 423 4.91 -7.43 31.38
C ARG A 423 4.55 -5.99 31.39
N VAL A 424 3.38 -5.63 31.89
CA VAL A 424 3.02 -4.23 31.88
C VAL A 424 2.56 -3.65 33.19
N TYR A 425 2.97 -2.44 33.50
CA TYR A 425 2.54 -1.73 34.68
C TYR A 425 1.78 -0.50 34.24
N ALA A 426 0.69 -0.18 34.91
CA ALA A 426 -0.21 0.91 34.54
C ALA A 426 -0.44 1.83 35.73
N TYR A 427 -0.56 3.13 35.45
CA TYR A 427 -0.77 4.13 36.48
C TYR A 427 -1.85 5.11 36.02
N VAL A 428 -2.39 5.84 36.98
CA VAL A 428 -3.21 7.02 36.73
C VAL A 428 -2.68 8.13 37.62
N PHE A 429 -2.21 9.21 37.01
CA PHE A 429 -1.63 10.33 37.73
C PHE A 429 -2.75 11.26 38.21
N GLU A 430 -2.87 11.42 39.53
CA GLU A 430 -4.04 12.07 40.12
C GLU A 430 -3.71 13.30 40.96
N HIS A 431 -2.49 13.82 40.90
CA HIS A 431 -2.12 15.00 41.68
C HIS A 431 -2.18 16.25 40.82
N ARG A 432 -2.94 17.24 41.29
CA ARG A 432 -2.98 18.55 40.66
C ARG A 432 -1.91 19.43 41.29
N ALA A 433 -0.94 19.85 40.50
CA ALA A 433 0.18 20.62 41.02
C ALA A 433 -0.29 21.91 41.68
N SER A 434 0.37 22.27 42.78
CA SER A 434 0.03 23.51 43.47
C SER A 434 0.31 24.73 42.60
N THR A 435 1.25 24.61 41.67
CA THR A 435 1.64 25.71 40.79
C THR A 435 0.84 25.76 39.50
N LEU A 436 -0.14 24.87 39.33
CA LEU A 436 -0.87 24.79 38.07
C LEU A 436 -1.66 26.07 37.82
N SER A 437 -1.48 26.64 36.63
CA SER A 437 -2.12 27.90 36.26
C SER A 437 -3.44 27.72 35.53
N TRP A 438 -3.78 26.49 35.15
CA TRP A 438 -5.05 26.23 34.48
C TRP A 438 -6.20 26.26 35.50
N PRO A 439 -7.42 26.54 35.05
CA PRO A 439 -8.55 26.64 35.98
C PRO A 439 -8.84 25.31 36.67
N LEU A 440 -9.59 25.41 37.77
CA LEU A 440 -9.85 24.24 38.60
C LEU A 440 -10.72 23.21 37.90
N TRP A 441 -11.58 23.64 36.97
CA TRP A 441 -12.49 22.69 36.34
C TRP A 441 -11.77 21.71 35.43
N MET A 442 -10.52 21.99 35.04
CA MET A 442 -9.75 21.08 34.22
C MET A 442 -9.18 19.90 35.01
N GLY A 443 -9.18 19.96 36.33
CA GLY A 443 -8.70 18.83 37.12
C GLY A 443 -7.20 18.66 36.97
N VAL A 444 -6.79 17.43 36.66
CA VAL A 444 -5.39 17.12 36.37
C VAL A 444 -5.23 17.02 34.86
N PRO A 445 -4.81 18.10 34.19
CA PRO A 445 -4.85 18.12 32.73
C PRO A 445 -3.72 17.30 32.11
N HIS A 446 -3.91 16.99 30.83
CA HIS A 446 -2.91 16.32 30.03
C HIS A 446 -1.58 17.05 30.09
N GLY A 447 -0.50 16.31 30.34
CA GLY A 447 0.84 16.85 30.27
C GLY A 447 1.45 17.26 31.59
N TYR A 448 0.69 17.29 32.68
CA TYR A 448 1.17 17.90 33.91
C TYR A 448 1.63 16.87 34.94
N GLU A 449 1.97 15.67 34.49
CA GLU A 449 2.77 14.74 35.27
C GLU A 449 4.25 14.80 34.90
N ILE A 450 4.58 15.39 33.75
CA ILE A 450 5.95 15.39 33.27
C ILE A 450 6.87 16.09 34.26
N GLU A 451 6.43 17.26 34.75
CA GLU A 451 7.27 18.04 35.67
C GLU A 451 7.64 17.26 36.91
N PHE A 452 6.78 16.34 37.35
CA PHE A 452 7.09 15.51 38.50
C PHE A 452 8.02 14.36 38.16
N ILE A 453 7.87 13.79 36.95
CA ILE A 453 8.77 12.72 36.52
C ILE A 453 10.19 13.23 36.38
N PHE A 454 10.35 14.45 35.88
CA PHE A 454 11.67 15.03 35.66
C PHE A 454 12.24 15.71 36.91
N GLY A 455 11.51 15.70 38.02
CA GLY A 455 12.03 16.27 39.25
C GLY A 455 12.08 17.79 39.29
N ILE A 456 11.33 18.46 38.42
CA ILE A 456 11.28 19.92 38.34
C ILE A 456 10.97 20.55 39.70
N PRO A 457 10.13 19.98 40.56
CA PRO A 457 9.93 20.58 41.89
C PRO A 457 11.19 20.74 42.72
N LEU A 458 12.27 20.04 42.39
CA LEU A 458 13.52 20.21 43.12
C LEU A 458 14.26 21.49 42.75
N ASP A 459 13.83 22.18 41.69
CA ASP A 459 14.43 23.44 41.30
C ASP A 459 14.22 24.48 42.41
N PRO A 460 15.29 25.06 42.95
CA PRO A 460 15.11 26.04 44.05
C PRO A 460 14.32 27.26 43.62
N SER A 461 14.40 27.68 42.37
CA SER A 461 13.71 28.89 41.91
C SER A 461 12.21 28.72 41.81
N ARG A 462 11.69 27.50 41.92
CA ARG A 462 10.25 27.25 41.86
C ARG A 462 9.69 27.04 43.25
N ASN A 463 8.36 27.02 43.34
CA ASN A 463 7.69 27.07 44.64
C ASN A 463 6.75 25.90 44.88
N TYR A 464 7.20 24.68 44.58
CA TYR A 464 6.41 23.52 44.94
C TYR A 464 6.48 23.29 46.45
N THR A 465 5.46 22.63 46.98
CA THR A 465 5.47 22.30 48.40
C THR A 465 6.51 21.23 48.69
N ALA A 466 6.82 21.05 49.98
CA ALA A 466 7.76 20.00 50.38
C ALA A 466 7.20 18.62 50.04
N GLU A 467 5.90 18.42 50.25
CA GLU A 467 5.28 17.16 49.89
C GLU A 467 5.44 16.86 48.40
N GLU A 468 5.31 17.89 47.56
CA GLU A 468 5.45 17.68 46.13
C GLU A 468 6.88 17.31 45.76
N LYS A 469 7.87 17.78 46.53
CA LYS A 469 9.25 17.40 46.26
C LYS A 469 9.49 15.94 46.61
N ILE A 470 8.87 15.46 47.69
CA ILE A 470 8.95 14.03 48.00
C ILE A 470 8.21 13.21 46.94
N PHE A 471 7.04 13.70 46.52
CA PHE A 471 6.27 13.02 45.48
C PHE A 471 7.09 12.88 44.20
N ALA A 472 7.73 13.96 43.77
CA ALA A 472 8.56 13.90 42.57
C ALA A 472 9.71 12.93 42.73
N GLN A 473 10.35 12.92 43.90
CA GLN A 473 11.45 11.99 44.14
C GLN A 473 10.97 10.55 44.11
N ARG A 474 9.75 10.29 44.58
CA ARG A 474 9.23 8.93 44.53
C ARG A 474 8.91 8.52 43.11
N LEU A 475 8.36 9.44 42.31
CA LEU A 475 8.07 9.12 40.91
C LEU A 475 9.35 8.87 40.13
N MET A 476 10.38 9.70 40.36
CA MET A 476 11.67 9.46 39.72
C MET A 476 12.22 8.08 40.08
N ARG A 477 12.02 7.66 41.33
CA ARG A 477 12.48 6.34 41.76
C ARG A 477 11.76 5.23 41.00
N TYR A 478 10.43 5.34 40.87
CA TYR A 478 9.68 4.38 40.08
C TYR A 478 10.21 4.29 38.66
N TRP A 479 10.36 5.43 38.00
CA TRP A 479 10.79 5.45 36.61
C TRP A 479 12.19 4.88 36.44
N ALA A 480 13.10 5.22 37.36
CA ALA A 480 14.46 4.69 37.26
C ALA A 480 14.51 3.22 37.60
N ASN A 481 13.73 2.79 38.61
CA ASN A 481 13.66 1.37 38.93
C ASN A 481 13.19 0.56 37.73
N PHE A 482 12.20 1.07 37.00
CA PHE A 482 11.74 0.40 35.79
C PHE A 482 12.84 0.36 34.74
N ALA A 483 13.57 1.47 34.58
CA ALA A 483 14.65 1.51 33.60
C ALA A 483 15.74 0.49 33.93
N ARG A 484 16.10 0.39 35.21
CA ARG A 484 17.18 -0.52 35.60
C ARG A 484 16.74 -1.98 35.55
N THR A 485 15.54 -2.28 36.05
CA THR A 485 15.12 -3.66 36.29
C THR A 485 13.92 -4.10 35.47
N GLY A 486 13.17 -3.19 34.86
CA GLY A 486 11.91 -3.56 34.26
C GLY A 486 10.77 -3.67 35.25
N ASP A 487 10.94 -3.13 36.44
CA ASP A 487 9.99 -3.24 37.54
C ASP A 487 10.10 -1.98 38.40
N PRO A 488 9.03 -1.19 38.51
CA PRO A 488 9.11 0.04 39.31
C PRO A 488 9.18 -0.20 40.81
N ASN A 489 9.03 -1.43 41.27
CA ASN A 489 8.91 -1.75 42.68
C ASN A 489 10.27 -1.93 43.34
N GLU A 490 10.29 -1.72 44.66
CA GLU A 490 11.25 -2.32 45.60
C GLU A 490 11.01 -1.80 47.01
N PRO A 497 4.11 -0.85 50.01
CA PRO A 497 2.95 -1.04 49.12
C PRO A 497 3.39 -1.33 47.68
N GLN A 498 2.95 -2.46 47.17
CA GLN A 498 3.36 -2.87 45.87
C GLN A 498 2.52 -2.50 44.67
N TRP A 499 3.20 -2.42 43.54
CA TRP A 499 2.58 -2.05 42.28
C TRP A 499 2.45 -3.31 41.42
N PRO A 500 1.27 -3.89 41.29
CA PRO A 500 1.14 -5.17 40.58
C PRO A 500 1.13 -4.96 39.07
N PRO A 501 1.51 -5.98 38.31
CA PRO A 501 1.43 -5.86 36.85
C PRO A 501 -0.01 -5.70 36.37
N TYR A 502 -0.14 -5.11 35.19
CA TYR A 502 -1.43 -4.94 34.54
C TYR A 502 -1.71 -6.16 33.67
N THR A 503 -2.92 -6.70 33.76
CA THR A 503 -3.33 -7.86 32.99
C THR A 503 -4.70 -7.60 32.37
N ALA A 504 -4.98 -8.30 31.26
CA ALA A 504 -6.23 -8.06 30.55
C ALA A 504 -7.45 -8.43 31.38
N GLY A 505 -7.30 -9.35 32.33
CA GLY A 505 -8.41 -9.74 33.17
C GLY A 505 -8.56 -8.86 34.39
N ALA A 506 -7.56 -8.87 35.28
CA ALA A 506 -7.66 -8.09 36.50
C ALA A 506 -7.61 -6.59 36.22
N GLN A 507 -6.84 -6.16 35.22
CA GLN A 507 -6.77 -4.75 34.80
C GLN A 507 -6.39 -3.84 35.97
N GLN A 508 -5.33 -4.23 36.68
CA GLN A 508 -4.91 -3.50 37.87
C GLN A 508 -3.94 -2.39 37.53
N TYR A 509 -4.13 -1.23 38.15
CA TYR A 509 -3.24 -0.08 38.02
C TYR A 509 -3.16 0.62 39.36
N VAL A 510 -2.20 1.53 39.50
CA VAL A 510 -2.03 2.29 40.74
C VAL A 510 -2.32 3.76 40.48
N SER A 511 -2.80 4.44 41.51
CA SER A 511 -2.99 5.88 41.49
C SER A 511 -1.71 6.54 41.99
N LEU A 512 -1.26 7.56 41.27
CA LEU A 512 -0.06 8.32 41.63
C LEU A 512 -0.48 9.68 42.13
N ASP A 513 -0.38 9.88 43.45
CA ASP A 513 -0.65 11.18 44.06
C ASP A 513 0.13 11.26 45.37
N LEU A 514 -0.22 12.22 46.23
CA LEU A 514 0.52 12.40 47.47
C LEU A 514 0.29 11.26 48.46
N ARG A 515 -0.81 10.53 48.36
CA ARG A 515 -1.06 9.38 49.21
C ARG A 515 -0.27 8.17 48.71
N PRO A 516 -0.10 7.15 49.56
CA PRO A 516 0.58 5.93 49.11
C PRO A 516 -0.16 5.25 47.96
N LEU A 517 0.53 4.31 47.31
CA LEU A 517 -0.04 3.60 46.17
C LEU A 517 -1.34 2.91 46.55
N GLU A 518 -2.37 3.13 45.74
CA GLU A 518 -3.65 2.44 45.87
C GLU A 518 -3.91 1.69 44.58
N VAL A 519 -4.24 0.41 44.71
CA VAL A 519 -4.51 -0.44 43.54
C VAL A 519 -5.99 -0.34 43.20
N ARG A 520 -6.27 -0.19 41.90
CA ARG A 520 -7.64 -0.15 41.40
C ARG A 520 -7.72 -1.04 40.16
N ARG A 521 -8.95 -1.18 39.64
CA ARG A 521 -9.20 -2.04 38.50
C ARG A 521 -9.87 -1.26 37.38
N GLY A 522 -9.44 -1.53 36.14
CA GLY A 522 -10.12 -1.00 34.97
C GLY A 522 -9.75 0.41 34.58
N LEU A 523 -9.12 0.55 33.41
CA LEU A 523 -8.86 1.86 32.81
C LEU A 523 -10.10 2.26 32.03
N ARG A 524 -11.11 2.74 32.77
CA ARG A 524 -12.41 3.11 32.20
C ARG A 524 -12.97 1.97 31.35
N ALA A 525 -13.10 0.81 31.99
CA ALA A 525 -13.44 -0.42 31.27
C ALA A 525 -14.75 -0.28 30.51
N GLN A 526 -15.78 0.30 31.15
CA GLN A 526 -17.07 0.43 30.49
C GLN A 526 -16.99 1.34 29.28
N ALA A 527 -16.37 2.51 29.43
CA ALA A 527 -16.27 3.44 28.31
C ALA A 527 -15.37 2.89 27.21
N CYS A 528 -14.23 2.30 27.57
CA CYS A 528 -13.29 1.84 26.57
C CYS A 528 -13.76 0.58 25.86
N ALA A 529 -14.66 -0.20 26.47
CA ALA A 529 -15.31 -1.28 25.74
C ALA A 529 -16.09 -0.71 24.56
N PHE A 530 -16.69 0.46 24.72
CA PHE A 530 -17.38 1.11 23.61
C PHE A 530 -16.40 1.53 22.52
N TRP A 531 -15.31 2.19 22.91
CA TRP A 531 -14.38 2.72 21.92
C TRP A 531 -13.56 1.62 21.26
N ASN A 532 -13.15 0.62 22.05
CA ASN A 532 -12.19 -0.37 21.55
C ASN A 532 -12.86 -1.62 20.97
N ARG A 533 -14.08 -1.96 21.40
CA ARG A 533 -14.73 -3.19 20.98
C ARG A 533 -15.93 -2.96 20.08
N PHE A 534 -16.82 -2.03 20.41
CA PHE A 534 -18.06 -1.89 19.66
C PHE A 534 -17.95 -0.91 18.50
N LEU A 535 -17.48 0.31 18.77
CA LEU A 535 -17.44 1.33 17.73
C LEU A 535 -16.74 0.90 16.44
N PRO A 536 -15.63 0.16 16.47
CA PRO A 536 -15.07 -0.33 15.20
C PRO A 536 -16.03 -1.21 14.42
N LYS A 537 -16.79 -2.07 15.10
CA LYS A 537 -17.77 -2.91 14.41
C LYS A 537 -18.84 -2.06 13.74
N LEU A 538 -19.19 -0.91 14.33
CA LEU A 538 -20.22 -0.05 13.75
C LEU A 538 -19.71 0.64 12.49
N LEU A 539 -18.47 1.15 12.52
CA LEU A 539 -17.93 1.84 11.36
C LEU A 539 -17.67 0.91 10.19
N SER A 540 -17.50 -0.38 10.45
CA SER A 540 -17.40 -1.39 9.39
C SER A 540 -18.76 -1.72 8.76
N ALA A 541 -19.84 -1.14 9.26
CA ALA A 541 -21.17 -1.42 8.73
C ALA A 541 -22.06 -0.17 8.74
N GLU B 3 21.93 3.50 -46.91
CA GLU B 3 20.87 3.01 -46.04
C GLU B 3 20.27 1.77 -46.64
N ASP B 4 19.51 1.04 -45.86
CA ASP B 4 18.87 -0.12 -46.40
C ASP B 4 17.43 0.22 -46.73
N ALA B 5 17.12 0.35 -48.00
CA ALA B 5 15.79 0.71 -48.47
C ALA B 5 14.70 -0.19 -47.90
N GLU B 6 15.05 -1.40 -47.43
CA GLU B 6 14.06 -2.31 -46.90
C GLU B 6 13.56 -1.89 -45.53
N LEU B 7 14.32 -1.06 -44.81
CA LEU B 7 13.96 -0.63 -43.47
C LEU B 7 13.37 0.78 -43.45
N LEU B 8 13.07 1.35 -44.60
CA LEU B 8 12.42 2.64 -44.72
C LEU B 8 10.99 2.42 -45.20
N VAL B 9 10.02 2.87 -44.41
CA VAL B 9 8.61 2.72 -44.73
C VAL B 9 7.90 4.04 -44.46
N THR B 10 6.96 4.38 -45.34
CA THR B 10 6.10 5.55 -45.16
C THR B 10 4.69 5.06 -44.88
N VAL B 11 4.15 5.45 -43.72
CA VAL B 11 2.77 5.16 -43.39
C VAL B 11 1.98 6.45 -43.50
N ARG B 12 0.68 6.40 -43.21
CA ARG B 12 -0.16 7.59 -43.36
C ARG B 12 0.36 8.77 -42.55
N GLY B 13 0.96 8.50 -41.39
CA GLY B 13 1.40 9.57 -40.52
C GLY B 13 2.78 10.12 -40.79
N GLY B 14 3.61 9.39 -41.53
CA GLY B 14 4.95 9.83 -41.83
C GLY B 14 5.86 8.66 -42.12
N ARG B 15 7.16 8.92 -42.05
CA ARG B 15 8.19 7.93 -42.40
C ARG B 15 8.74 7.24 -41.17
N LEU B 16 9.06 5.96 -41.32
CA LEU B 16 9.65 5.15 -40.27
C LEU B 16 10.98 4.57 -40.74
N ARG B 17 11.88 4.35 -39.78
CA ARG B 17 13.12 3.61 -40.03
C ARG B 17 13.13 2.39 -39.11
N GLY B 18 13.25 1.21 -39.71
CA GLY B 18 13.23 -0.04 -38.99
C GLY B 18 14.60 -0.60 -38.70
N ILE B 19 14.62 -1.87 -38.34
CA ILE B 19 15.82 -2.58 -37.94
C ILE B 19 15.81 -3.95 -38.58
N ARG B 20 16.99 -4.44 -38.96
CA ARG B 20 17.13 -5.79 -39.46
C ARG B 20 17.51 -6.71 -38.31
N LEU B 21 16.74 -7.77 -38.11
CA LEU B 21 16.96 -8.71 -37.02
C LEU B 21 17.44 -10.05 -37.57
N LYS B 22 18.18 -10.79 -36.74
CA LYS B 22 18.70 -12.09 -37.10
C LYS B 22 17.87 -13.20 -36.46
N THR B 23 17.65 -14.27 -37.20
CA THR B 23 17.11 -15.52 -36.71
C THR B 23 17.95 -16.65 -37.27
N PRO B 24 17.95 -17.81 -36.61
CA PRO B 24 18.69 -18.96 -37.18
C PRO B 24 18.28 -19.35 -38.59
N GLY B 25 17.13 -18.86 -39.08
CA GLY B 25 16.67 -19.13 -40.42
C GLY B 25 16.81 -17.98 -41.40
N GLY B 26 17.45 -16.89 -41.01
CA GLY B 26 17.62 -15.75 -41.88
C GLY B 26 17.10 -14.46 -41.28
N PRO B 27 17.33 -13.35 -41.97
CA PRO B 27 16.95 -12.04 -41.42
C PRO B 27 15.45 -11.81 -41.49
N VAL B 28 15.00 -10.84 -40.69
CA VAL B 28 13.62 -10.36 -40.70
C VAL B 28 13.64 -8.86 -40.47
N SER B 29 12.66 -8.17 -41.04
CA SER B 29 12.53 -6.73 -40.85
C SER B 29 11.58 -6.45 -39.70
N ALA B 30 12.01 -5.58 -38.78
CA ALA B 30 11.21 -5.22 -37.61
C ALA B 30 11.05 -3.71 -37.53
N PHE B 31 9.84 -3.27 -37.21
CA PHE B 31 9.52 -1.87 -36.99
C PHE B 31 8.86 -1.78 -35.63
N LEU B 32 9.62 -1.33 -34.63
CA LEU B 32 9.22 -1.39 -33.22
C LEU B 32 8.99 0.01 -32.68
N GLY B 33 7.91 0.16 -31.92
CA GLY B 33 7.62 1.45 -31.30
C GLY B 33 6.99 2.46 -32.22
N ILE B 34 6.10 2.02 -33.11
CA ILE B 34 5.39 2.92 -34.01
C ILE B 34 4.23 3.57 -33.26
N PRO B 35 4.18 4.89 -33.15
CA PRO B 35 3.06 5.53 -32.45
C PRO B 35 1.78 5.45 -33.28
N PHE B 36 0.72 4.90 -32.68
CA PHE B 36 -0.58 4.84 -33.34
C PHE B 36 -1.63 5.71 -32.67
N ALA B 37 -1.33 6.29 -31.52
CA ALA B 37 -2.28 7.18 -30.84
C ALA B 37 -1.52 8.35 -30.23
N GLU B 38 -2.23 9.44 -30.01
CA GLU B 38 -1.68 10.51 -29.21
C GLU B 38 -1.47 10.01 -27.79
N PRO B 39 -0.36 10.37 -27.14
CA PRO B 39 -0.11 9.90 -25.77
C PRO B 39 -1.24 10.28 -24.84
N PRO B 40 -1.89 9.31 -24.21
CA PRO B 40 -3.02 9.61 -23.31
C PRO B 40 -2.55 10.15 -21.96
N MET B 41 -1.93 11.33 -22.00
CA MET B 41 -1.36 11.96 -20.83
C MET B 41 -2.29 13.05 -20.29
N GLY B 42 -2.12 13.34 -19.00
CA GLY B 42 -2.80 14.45 -18.36
C GLY B 42 -4.30 14.43 -18.52
N PRO B 43 -4.84 15.41 -19.26
CA PRO B 43 -6.30 15.46 -19.47
C PRO B 43 -6.84 14.32 -20.32
N ARG B 44 -5.98 13.59 -21.04
CA ARG B 44 -6.40 12.45 -21.84
C ARG B 44 -6.46 11.15 -21.05
N ARG B 45 -6.03 11.16 -19.78
CA ARG B 45 -6.13 9.96 -18.96
C ARG B 45 -7.58 9.52 -18.84
N PHE B 46 -7.81 8.22 -18.94
CA PHE B 46 -9.14 7.59 -18.89
C PHE B 46 -9.97 7.85 -20.13
N LEU B 47 -9.50 8.69 -21.04
CA LEU B 47 -10.28 9.04 -22.22
C LEU B 47 -9.98 8.09 -23.37
N PRO B 48 -10.92 7.96 -24.32
CA PRO B 48 -10.65 7.12 -25.47
C PRO B 48 -9.43 7.60 -26.22
N PRO B 49 -8.71 6.70 -26.90
CA PRO B 49 -7.52 7.12 -27.65
C PRO B 49 -7.91 7.93 -28.86
N GLU B 50 -7.00 8.80 -29.29
CA GLU B 50 -7.23 9.48 -30.55
C GLU B 50 -6.04 9.28 -31.47
N PRO B 51 -6.27 9.28 -32.78
CA PRO B 51 -5.22 8.89 -33.73
C PRO B 51 -3.98 9.76 -33.59
N LYS B 52 -2.82 9.13 -33.76
CA LYS B 52 -1.57 9.86 -33.76
C LYS B 52 -1.55 10.86 -34.91
N GLN B 53 -1.17 12.08 -34.60
CA GLN B 53 -1.13 13.12 -35.63
C GLN B 53 0.14 12.97 -36.47
N PRO B 54 0.09 13.37 -37.74
CA PRO B 54 1.26 13.22 -38.61
C PRO B 54 2.50 13.92 -38.05
N TRP B 55 3.66 13.38 -38.39
CA TRP B 55 4.93 13.90 -37.94
C TRP B 55 5.82 14.18 -39.14
N SER B 56 6.74 15.13 -38.98
CA SER B 56 7.79 15.32 -39.96
C SER B 56 9.04 14.58 -39.53
N GLY B 57 9.99 14.45 -40.45
CA GLY B 57 11.17 13.68 -40.13
C GLY B 57 10.88 12.19 -40.13
N VAL B 58 11.83 11.42 -39.61
CA VAL B 58 11.78 9.96 -39.64
C VAL B 58 11.69 9.46 -38.21
N VAL B 59 10.60 8.76 -37.89
CA VAL B 59 10.46 8.15 -36.58
C VAL B 59 11.43 6.97 -36.48
N ASP B 60 12.18 6.93 -35.38
CA ASP B 60 13.12 5.84 -35.13
C ASP B 60 12.34 4.65 -34.59
N ALA B 61 12.15 3.63 -35.43
CA ALA B 61 11.38 2.45 -35.03
C ALA B 61 12.28 1.23 -34.90
N THR B 62 13.39 1.37 -34.17
CA THR B 62 14.38 0.29 -34.04
C THR B 62 14.39 -0.35 -32.67
N THR B 63 13.60 0.13 -31.72
CA THR B 63 13.59 -0.43 -30.38
C THR B 63 12.18 -0.36 -29.81
N PHE B 64 11.91 -1.24 -28.84
CA PHE B 64 10.61 -1.26 -28.20
C PHE B 64 10.37 0.03 -27.41
N GLN B 65 9.10 0.43 -27.32
CA GLN B 65 8.72 1.62 -26.58
C GLN B 65 8.29 1.23 -25.17
N SER B 66 7.96 2.25 -24.38
CA SER B 66 7.66 2.07 -22.96
C SER B 66 6.48 1.12 -22.75
N VAL B 67 6.44 0.54 -21.57
CA VAL B 67 5.34 -0.32 -21.13
C VAL B 67 4.28 0.57 -20.48
N CYS B 68 3.01 0.23 -20.71
CA CYS B 68 1.93 0.96 -20.06
C CYS B 68 2.00 0.74 -18.55
N TYR B 69 1.68 1.79 -17.80
CA TYR B 69 1.81 1.75 -16.35
C TYR B 69 1.01 0.59 -15.77
N GLN B 70 1.67 -0.21 -14.93
CA GLN B 70 1.04 -1.42 -14.43
C GLN B 70 1.74 -1.85 -13.15
N TYR B 71 1.00 -2.65 -12.36
CA TYR B 71 1.56 -3.30 -11.19
C TYR B 71 2.70 -4.23 -11.61
N VAL B 72 3.67 -4.38 -10.71
CA VAL B 72 4.82 -5.26 -10.94
C VAL B 72 4.78 -6.36 -9.89
N ASP B 73 4.78 -7.61 -10.37
CA ASP B 73 4.72 -8.76 -9.47
C ASP B 73 5.96 -8.81 -8.58
N THR B 74 5.74 -9.03 -7.28
CA THR B 74 6.83 -9.16 -6.32
C THR B 74 6.71 -10.42 -5.48
N LEU B 75 5.94 -11.42 -5.95
CA LEU B 75 5.73 -12.62 -5.16
C LEU B 75 7.01 -13.43 -5.01
N TYR B 76 7.81 -13.52 -6.09
CA TYR B 76 9.06 -14.26 -6.08
C TYR B 76 10.11 -13.43 -6.80
N PRO B 77 10.72 -12.46 -6.13
CA PRO B 77 11.69 -11.59 -6.79
C PRO B 77 12.83 -12.39 -7.41
N GLY B 78 13.17 -12.04 -8.65
CA GLY B 78 14.23 -12.71 -9.38
C GLY B 78 13.87 -14.05 -9.98
N PHE B 79 12.73 -14.63 -9.60
CA PHE B 79 12.30 -15.89 -10.17
C PHE B 79 11.87 -15.69 -11.62
N GLU B 80 12.44 -16.48 -12.53
CA GLU B 80 12.14 -16.28 -13.95
C GLU B 80 10.68 -16.59 -14.27
N GLY B 81 10.07 -17.55 -13.56
CA GLY B 81 8.69 -17.90 -13.87
C GLY B 81 7.72 -16.75 -13.72
N THR B 82 8.06 -15.76 -12.89
CA THR B 82 7.25 -14.56 -12.75
C THR B 82 7.85 -13.34 -13.42
N GLU B 83 9.19 -13.21 -13.45
CA GLU B 83 9.80 -12.04 -14.06
C GLU B 83 9.58 -12.02 -15.58
N MET B 84 9.37 -13.18 -16.20
CA MET B 84 9.16 -13.20 -17.64
C MET B 84 7.89 -12.46 -18.05
N TRP B 85 6.96 -12.24 -17.12
CA TRP B 85 5.74 -11.49 -17.38
C TRP B 85 5.81 -10.04 -16.93
N ASN B 86 6.83 -9.67 -16.17
CA ASN B 86 6.96 -8.31 -15.67
C ASN B 86 7.48 -7.39 -16.77
N PRO B 87 7.24 -6.08 -16.64
CA PRO B 87 7.72 -5.14 -17.66
C PRO B 87 9.23 -5.25 -17.87
N ASN B 88 9.64 -5.29 -19.13
CA ASN B 88 11.04 -5.28 -19.50
C ASN B 88 11.45 -3.97 -20.16
N ARG B 89 10.64 -2.93 -20.02
CA ARG B 89 10.98 -1.57 -20.43
C ARG B 89 10.44 -0.62 -19.38
N GLU B 90 10.87 0.63 -19.49
CA GLU B 90 10.41 1.67 -18.56
C GLU B 90 8.89 1.82 -18.62
N LEU B 91 8.26 2.02 -17.46
CA LEU B 91 6.83 2.26 -17.39
C LEU B 91 6.52 3.70 -17.77
N SER B 92 5.43 3.89 -18.51
CA SER B 92 5.00 5.23 -18.88
C SER B 92 3.53 5.17 -19.33
N GLU B 93 2.80 6.26 -19.07
CA GLU B 93 1.49 6.42 -19.66
C GLU B 93 1.57 6.72 -21.15
N ASP B 94 2.71 7.24 -21.62
CA ASP B 94 2.99 7.38 -23.05
C ASP B 94 3.48 6.03 -23.55
N CYS B 95 2.51 5.18 -23.91
CA CYS B 95 2.80 3.79 -24.23
C CYS B 95 2.03 3.24 -25.41
N LEU B 96 1.24 4.06 -26.10
CA LEU B 96 0.40 3.56 -27.19
C LEU B 96 1.24 3.48 -28.47
N TYR B 97 1.99 2.39 -28.57
CA TYR B 97 2.81 2.09 -29.73
C TYR B 97 2.57 0.65 -30.13
N LEU B 98 2.81 0.36 -31.41
CA LEU B 98 2.68 -0.99 -31.94
C LEU B 98 3.95 -1.37 -32.68
N ASN B 99 4.05 -2.66 -33.02
CA ASN B 99 5.23 -3.22 -33.66
C ASN B 99 4.84 -4.04 -34.87
N VAL B 100 5.66 -4.00 -35.91
CA VAL B 100 5.45 -4.77 -37.13
C VAL B 100 6.71 -5.57 -37.43
N TRP B 101 6.55 -6.88 -37.56
CA TRP B 101 7.59 -7.76 -38.08
C TRP B 101 7.19 -8.23 -39.47
N THR B 102 8.17 -8.34 -40.38
CA THR B 102 7.89 -8.72 -41.75
C THR B 102 9.12 -9.43 -42.31
N PRO B 103 8.94 -10.31 -43.30
CA PRO B 103 10.10 -10.99 -43.89
C PRO B 103 11.09 -10.00 -44.50
N TYR B 104 12.33 -10.47 -44.66
CA TYR B 104 13.38 -9.68 -45.29
C TYR B 104 13.82 -10.38 -46.57
N PRO B 105 13.74 -9.73 -47.73
CA PRO B 105 13.23 -8.36 -47.89
C PRO B 105 11.72 -8.32 -47.73
N ARG B 106 11.16 -7.14 -47.55
CA ARG B 106 9.73 -7.01 -47.33
C ARG B 106 8.96 -7.71 -48.46
N PRO B 107 7.83 -8.34 -48.18
CA PRO B 107 7.07 -8.99 -49.24
C PRO B 107 6.61 -8.00 -50.30
N THR B 108 6.58 -8.47 -51.54
CA THR B 108 6.07 -7.68 -52.65
C THR B 108 4.61 -7.93 -52.97
N SER B 109 4.08 -9.07 -52.54
CA SER B 109 2.67 -9.41 -52.71
C SER B 109 2.00 -9.51 -51.34
N PRO B 110 0.69 -9.25 -51.27
CA PRO B 110 0.00 -9.26 -49.97
C PRO B 110 0.22 -10.55 -49.20
N THR B 111 0.58 -10.38 -47.93
CA THR B 111 0.92 -11.44 -46.99
C THR B 111 -0.09 -11.47 -45.85
N PRO B 112 -0.54 -12.65 -45.44
CA PRO B 112 -1.50 -12.72 -44.32
C PRO B 112 -0.91 -12.12 -43.05
N VAL B 113 -1.80 -11.51 -42.24
CA VAL B 113 -1.41 -10.75 -41.07
C VAL B 113 -1.90 -11.46 -39.82
N LEU B 114 -1.01 -11.58 -38.84
CA LEU B 114 -1.36 -12.03 -37.49
C LEU B 114 -1.20 -10.85 -36.54
N VAL B 115 -2.24 -10.60 -35.73
CA VAL B 115 -2.22 -9.51 -34.76
C VAL B 115 -2.31 -10.11 -33.37
N TRP B 116 -1.32 -9.81 -32.53
CA TRP B 116 -1.22 -10.37 -31.19
C TRP B 116 -1.71 -9.37 -30.16
N ILE B 117 -2.60 -9.82 -29.27
CA ILE B 117 -3.07 -9.03 -28.14
C ILE B 117 -2.61 -9.77 -26.88
N TYR B 118 -1.73 -9.14 -26.11
CA TYR B 118 -1.19 -9.83 -24.95
C TYR B 118 -2.22 -9.92 -23.82
N GLY B 119 -1.98 -10.82 -22.93
CA GLY B 119 -2.76 -11.01 -21.76
C GLY B 119 -2.08 -10.39 -20.59
N GLY B 120 -2.59 -10.70 -19.42
CA GLY B 120 -2.09 -10.19 -18.18
C GLY B 120 -3.15 -9.59 -17.32
N GLY B 121 -4.30 -10.21 -17.40
CA GLY B 121 -5.47 -9.91 -16.61
C GLY B 121 -6.09 -8.55 -16.68
N PHE B 122 -5.84 -7.80 -17.73
CA PHE B 122 -6.27 -6.44 -17.99
C PHE B 122 -5.55 -5.47 -17.04
N TYR B 123 -4.61 -5.96 -16.25
CA TYR B 123 -3.86 -5.10 -15.34
C TYR B 123 -2.37 -5.06 -15.63
N SER B 124 -1.87 -5.90 -16.55
CA SER B 124 -0.44 -5.96 -16.83
C SER B 124 -0.26 -6.48 -18.26
N GLY B 125 0.99 -6.51 -18.69
CA GLY B 125 1.33 -7.00 -20.01
C GLY B 125 2.11 -5.99 -20.82
N ALA B 126 2.77 -6.46 -21.88
CA ALA B 126 3.51 -5.61 -22.79
C ALA B 126 3.84 -6.42 -24.04
N SER B 127 3.83 -5.73 -25.20
CA SER B 127 4.20 -6.38 -26.44
C SER B 127 5.70 -6.57 -26.59
N SER B 128 6.50 -6.05 -25.66
CA SER B 128 7.95 -6.13 -25.74
C SER B 128 8.54 -7.33 -25.00
N LEU B 129 7.72 -8.12 -24.32
CA LEU B 129 8.23 -9.27 -23.58
C LEU B 129 8.92 -10.25 -24.53
N ASP B 130 9.98 -10.89 -24.03
CA ASP B 130 10.76 -11.81 -24.86
C ASP B 130 9.89 -12.92 -25.43
N VAL B 131 8.92 -13.40 -24.66
CA VAL B 131 8.10 -14.53 -25.07
C VAL B 131 7.12 -14.18 -26.19
N TYR B 132 7.01 -12.89 -26.53
CA TYR B 132 6.19 -12.46 -27.66
C TYR B 132 7.02 -12.00 -28.86
N ASP B 133 8.31 -12.36 -28.90
CA ASP B 133 9.18 -11.98 -30.01
C ASP B 133 8.68 -12.59 -31.31
N GLY B 134 8.23 -11.76 -32.25
CA GLY B 134 7.66 -12.23 -33.49
C GLY B 134 8.64 -12.60 -34.58
N ARG B 135 9.94 -12.62 -34.28
CA ARG B 135 10.95 -12.84 -35.32
C ARG B 135 10.86 -14.24 -35.92
N PHE B 136 10.53 -15.24 -35.11
CA PHE B 136 10.62 -16.63 -35.59
C PHE B 136 9.39 -17.02 -36.40
N LEU B 137 8.21 -16.61 -35.92
CA LEU B 137 6.98 -16.85 -36.67
C LEU B 137 7.05 -16.23 -38.06
N VAL B 138 7.58 -15.02 -38.15
CA VAL B 138 7.60 -14.31 -39.42
C VAL B 138 8.58 -14.97 -40.39
N GLN B 139 9.78 -15.33 -39.91
CA GLN B 139 10.75 -15.98 -40.77
C GLN B 139 10.25 -17.35 -41.22
N ALA B 140 9.72 -18.14 -40.28
CA ALA B 140 9.40 -19.54 -40.56
C ALA B 140 8.16 -19.68 -41.43
N GLU B 141 7.13 -18.87 -41.17
CA GLU B 141 5.85 -19.03 -41.84
C GLU B 141 5.51 -17.88 -42.78
N ARG B 142 6.39 -16.88 -42.88
CA ARG B 142 6.27 -15.80 -43.87
C ARG B 142 4.90 -15.13 -43.80
N THR B 143 4.55 -14.68 -42.61
CA THR B 143 3.41 -13.81 -42.38
C THR B 143 3.92 -12.45 -41.91
N VAL B 144 3.02 -11.48 -41.85
CA VAL B 144 3.28 -10.22 -41.18
C VAL B 144 2.71 -10.30 -39.78
N LEU B 145 3.52 -9.97 -38.78
CA LEU B 145 3.14 -10.02 -37.38
C LEU B 145 3.06 -8.60 -36.83
N VAL B 146 1.91 -8.25 -36.26
CA VAL B 146 1.73 -6.96 -35.60
C VAL B 146 1.27 -7.22 -34.16
N SER B 147 1.84 -6.45 -33.23
CA SER B 147 1.41 -6.46 -31.85
C SER B 147 1.37 -5.02 -31.37
N MET B 148 0.44 -4.74 -30.47
CA MET B 148 0.26 -3.40 -29.94
C MET B 148 0.26 -3.44 -28.42
N ASN B 149 0.57 -2.29 -27.83
CA ASN B 149 0.37 -2.08 -26.41
C ASN B 149 -0.95 -1.35 -26.21
N TYR B 150 -1.67 -1.70 -25.15
CA TYR B 150 -2.93 -1.07 -24.82
C TYR B 150 -2.96 -0.82 -23.32
N ARG B 151 -3.66 0.25 -22.93
CA ARG B 151 -3.69 0.64 -21.53
C ARG B 151 -4.33 -0.45 -20.68
N VAL B 152 -3.75 -0.68 -19.50
CA VAL B 152 -4.23 -1.69 -18.55
C VAL B 152 -4.49 -1.02 -17.21
N GLY B 153 -5.04 -1.79 -16.28
CA GLY B 153 -5.35 -1.29 -14.97
C GLY B 153 -6.39 -0.18 -15.03
N ALA B 154 -6.30 0.73 -14.06
CA ALA B 154 -7.23 1.86 -14.03
C ALA B 154 -7.09 2.74 -15.26
N PHE B 155 -5.87 2.88 -15.79
CA PHE B 155 -5.65 3.73 -16.96
C PHE B 155 -6.36 3.18 -18.20
N GLY B 156 -6.68 1.89 -18.22
CA GLY B 156 -7.35 1.32 -19.37
C GLY B 156 -8.81 0.98 -19.13
N PHE B 157 -9.20 0.76 -17.88
CA PHE B 157 -10.51 0.18 -17.62
C PHE B 157 -11.23 0.73 -16.39
N LEU B 158 -10.72 1.77 -15.73
CA LEU B 158 -11.52 2.44 -14.72
C LEU B 158 -12.75 3.05 -15.37
N ALA B 159 -13.92 2.75 -14.82
CA ALA B 159 -15.17 3.19 -15.42
C ALA B 159 -16.08 3.78 -14.36
N LEU B 160 -16.56 5.00 -14.63
CA LEU B 160 -17.74 5.56 -13.97
C LEU B 160 -18.84 5.53 -15.01
N PRO B 161 -19.64 4.47 -15.10
CA PRO B 161 -20.56 4.32 -16.22
C PRO B 161 -21.50 5.50 -16.36
N GLY B 162 -21.74 5.91 -17.60
CA GLY B 162 -22.51 7.10 -17.91
C GLY B 162 -21.67 8.35 -17.99
N SER B 163 -20.64 8.45 -17.16
CA SER B 163 -19.74 9.60 -17.21
C SER B 163 -18.96 9.59 -18.52
N ARG B 164 -18.63 10.80 -18.97
CA ARG B 164 -17.83 10.95 -20.18
C ARG B 164 -16.36 11.22 -19.86
N GLU B 165 -16.05 11.64 -18.63
CA GLU B 165 -14.67 11.78 -18.22
C GLU B 165 -13.98 10.43 -18.01
N ALA B 166 -14.75 9.37 -17.74
CA ALA B 166 -14.18 8.03 -17.55
C ALA B 166 -15.20 7.00 -18.02
N PRO B 167 -15.35 6.85 -19.34
CA PRO B 167 -16.42 5.97 -19.86
C PRO B 167 -16.12 4.49 -19.70
N GLY B 168 -14.86 4.09 -19.54
CA GLY B 168 -14.51 2.69 -19.47
C GLY B 168 -14.18 2.12 -20.84
N ASN B 169 -13.53 0.95 -20.82
CA ASN B 169 -13.19 0.17 -22.00
C ASN B 169 -12.20 0.87 -22.94
N VAL B 170 -11.49 1.90 -22.47
CA VAL B 170 -10.62 2.63 -23.38
C VAL B 170 -9.40 1.79 -23.76
N GLY B 171 -9.01 0.83 -22.91
CA GLY B 171 -7.97 -0.10 -23.31
C GLY B 171 -8.41 -0.97 -24.48
N LEU B 172 -9.68 -1.38 -24.49
CA LEU B 172 -10.21 -2.07 -25.67
C LEU B 172 -10.21 -1.16 -26.88
N LEU B 173 -10.52 0.13 -26.68
CA LEU B 173 -10.48 1.09 -27.79
C LEU B 173 -9.05 1.33 -28.27
N ASP B 174 -8.07 1.23 -27.37
CA ASP B 174 -6.68 1.25 -27.80
C ASP B 174 -6.43 0.12 -28.80
N GLN B 175 -6.95 -1.07 -28.50
CA GLN B 175 -6.77 -2.21 -29.40
C GLN B 175 -7.49 -2.00 -30.71
N ARG B 176 -8.73 -1.47 -30.66
CA ARG B 176 -9.47 -1.23 -31.88
C ARG B 176 -8.77 -0.20 -32.76
N LEU B 177 -8.24 0.86 -32.14
CA LEU B 177 -7.49 1.86 -32.90
C LEU B 177 -6.29 1.23 -33.59
N ALA B 178 -5.59 0.33 -32.90
CA ALA B 178 -4.45 -0.35 -33.52
C ALA B 178 -4.91 -1.23 -34.69
N LEU B 179 -6.07 -1.86 -34.56
CA LEU B 179 -6.60 -2.66 -35.66
C LEU B 179 -7.01 -1.78 -36.83
N GLN B 180 -7.53 -0.58 -36.55
CA GLN B 180 -7.79 0.38 -37.62
C GLN B 180 -6.49 0.82 -38.27
N TRP B 181 -5.44 1.04 -37.46
CA TRP B 181 -4.13 1.38 -38.00
C TRP B 181 -3.64 0.29 -38.94
N VAL B 182 -3.85 -0.98 -38.56
CA VAL B 182 -3.43 -2.08 -39.42
C VAL B 182 -4.15 -2.02 -40.76
N GLN B 183 -5.47 -1.79 -40.73
CA GLN B 183 -6.24 -1.71 -41.95
C GLN B 183 -5.71 -0.65 -42.90
N GLU B 184 -5.26 0.48 -42.35
CA GLU B 184 -4.84 1.61 -43.17
C GLU B 184 -3.36 1.58 -43.55
N ASN B 185 -2.53 0.82 -42.85
CA ASN B 185 -1.08 0.94 -43.02
C ASN B 185 -0.33 -0.37 -43.25
N VAL B 186 -0.94 -1.53 -43.00
CA VAL B 186 -0.16 -2.77 -43.06
C VAL B 186 0.28 -3.11 -44.48
N ALA B 187 -0.42 -2.60 -45.49
CA ALA B 187 -0.01 -2.89 -46.87
C ALA B 187 1.34 -2.27 -47.19
N ALA B 188 1.69 -1.16 -46.53
CA ALA B 188 2.99 -0.54 -46.75
C ALA B 188 4.14 -1.44 -46.31
N PHE B 189 3.86 -2.42 -45.46
CA PHE B 189 4.87 -3.37 -45.01
C PHE B 189 4.81 -4.69 -45.77
N GLY B 190 3.87 -4.83 -46.71
CA GLY B 190 3.67 -6.08 -47.41
C GLY B 190 2.49 -6.90 -46.92
N GLY B 191 1.80 -6.43 -45.88
CA GLY B 191 0.72 -7.21 -45.32
C GLY B 191 -0.59 -7.02 -46.07
N ASP B 192 -1.44 -8.04 -45.98
CA ASP B 192 -2.74 -8.03 -46.64
C ASP B 192 -3.80 -7.61 -45.64
N PRO B 193 -4.35 -6.39 -45.74
CA PRO B 193 -5.39 -5.97 -44.79
C PRO B 193 -6.68 -6.77 -44.89
N THR B 194 -6.84 -7.61 -45.92
CA THR B 194 -8.02 -8.44 -46.07
C THR B 194 -7.85 -9.84 -45.48
N SER B 195 -6.71 -10.11 -44.83
CA SER B 195 -6.45 -11.41 -44.19
C SER B 195 -5.77 -11.14 -42.84
N VAL B 196 -6.55 -10.70 -41.87
CA VAL B 196 -6.08 -10.37 -40.53
C VAL B 196 -6.62 -11.40 -39.56
N THR B 197 -5.73 -12.09 -38.86
CA THR B 197 -6.10 -13.06 -37.84
C THR B 197 -5.70 -12.54 -36.47
N LEU B 198 -6.69 -12.35 -35.60
CA LEU B 198 -6.43 -11.97 -34.22
C LEU B 198 -6.07 -13.20 -33.40
N PHE B 199 -5.02 -13.10 -32.61
CA PHE B 199 -4.76 -14.12 -31.60
C PHE B 199 -4.25 -13.46 -30.32
N GLY B 200 -4.67 -14.04 -29.20
CA GLY B 200 -4.29 -13.56 -27.88
C GLY B 200 -4.40 -14.70 -26.89
N GLU B 201 -3.87 -14.48 -25.69
CA GLU B 201 -3.88 -15.48 -24.63
C GLU B 201 -4.33 -14.84 -23.31
N SER B 202 -5.16 -15.54 -22.55
CA SER B 202 -5.73 -15.00 -21.32
C SER B 202 -6.55 -13.77 -21.68
N ALA B 203 -6.34 -12.67 -20.96
CA ALA B 203 -7.02 -11.44 -21.20
C ALA B 203 -6.91 -11.03 -22.65
N GLY B 204 -5.82 -11.38 -23.32
CA GLY B 204 -5.75 -11.16 -24.75
C GLY B 204 -6.80 -11.97 -25.50
N ALA B 205 -6.91 -13.26 -25.16
CA ALA B 205 -7.98 -14.08 -25.73
C ALA B 205 -9.34 -13.50 -25.38
N ALA B 206 -9.52 -13.05 -24.13
CA ALA B 206 -10.76 -12.37 -23.77
C ALA B 206 -10.97 -11.14 -24.63
N SER B 207 -9.89 -10.42 -24.95
CA SER B 207 -10.01 -9.24 -25.80
C SER B 207 -10.41 -9.63 -27.21
N VAL B 208 -9.81 -10.70 -27.76
CA VAL B 208 -10.18 -11.18 -29.08
C VAL B 208 -11.68 -11.47 -29.15
N GLY B 209 -12.20 -12.19 -28.15
CA GLY B 209 -13.61 -12.52 -28.14
C GLY B 209 -14.51 -11.30 -28.04
N MET B 210 -14.04 -10.24 -27.39
CA MET B 210 -14.85 -9.04 -27.26
C MET B 210 -14.87 -8.23 -28.55
N HIS B 211 -13.79 -8.27 -29.34
CA HIS B 211 -13.85 -7.73 -30.68
C HIS B 211 -14.75 -8.57 -31.59
N LEU B 212 -14.92 -9.85 -31.27
CA LEU B 212 -15.85 -10.71 -32.00
C LEU B 212 -17.31 -10.37 -31.72
N LEU B 213 -17.60 -9.76 -30.57
CA LEU B 213 -18.97 -9.43 -30.19
C LEU B 213 -19.26 -7.93 -30.23
N SER B 214 -18.33 -7.12 -30.73
CA SER B 214 -18.53 -5.68 -30.89
C SER B 214 -18.49 -5.35 -32.38
N PRO B 215 -19.62 -4.99 -32.99
CA PRO B 215 -19.68 -4.83 -34.46
C PRO B 215 -18.66 -3.84 -35.00
N PRO B 216 -18.39 -2.70 -34.33
CA PRO B 216 -17.36 -1.80 -34.86
C PRO B 216 -15.98 -2.44 -34.96
N SER B 217 -15.71 -3.52 -34.22
CA SER B 217 -14.46 -4.25 -34.35
C SER B 217 -14.53 -5.39 -35.36
N ARG B 218 -15.69 -5.93 -35.60
CA ARG B 218 -15.85 -7.09 -36.44
C ARG B 218 -15.35 -6.89 -37.87
N GLY B 219 -15.41 -5.70 -38.34
CA GLY B 219 -14.92 -5.44 -39.67
C GLY B 219 -13.44 -5.22 -39.80
N LEU B 220 -12.69 -5.31 -38.69
CA LEU B 220 -11.27 -5.03 -38.68
C LEU B 220 -10.40 -6.28 -38.73
N PHE B 221 -11.01 -7.46 -38.76
CA PHE B 221 -10.27 -8.71 -38.83
C PHE B 221 -11.21 -9.77 -39.43
N HIS B 222 -10.66 -10.97 -39.63
CA HIS B 222 -11.41 -12.01 -40.32
C HIS B 222 -11.35 -13.38 -39.65
N ARG B 223 -10.33 -13.67 -38.85
CA ARG B 223 -10.26 -14.91 -38.09
C ARG B 223 -9.75 -14.59 -36.69
N ALA B 224 -10.06 -15.50 -35.75
CA ALA B 224 -9.76 -15.29 -34.35
C ALA B 224 -9.16 -16.54 -33.73
N VAL B 225 -8.18 -16.34 -32.85
CA VAL B 225 -7.58 -17.40 -32.07
C VAL B 225 -7.63 -17.00 -30.60
N LEU B 226 -8.15 -17.87 -29.76
CA LEU B 226 -8.36 -17.59 -28.34
C LEU B 226 -7.65 -18.66 -27.52
N GLN B 227 -6.54 -18.28 -26.89
CA GLN B 227 -5.71 -19.21 -26.12
C GLN B 227 -5.96 -18.97 -24.63
N SER B 228 -6.53 -19.96 -23.96
CA SER B 228 -6.68 -19.97 -22.51
C SER B 228 -7.42 -18.73 -22.02
N GLY B 229 -8.53 -18.40 -22.68
CA GLY B 229 -9.30 -17.23 -22.31
C GLY B 229 -10.54 -17.10 -23.16
N ALA B 230 -11.47 -16.31 -22.65
CA ALA B 230 -12.76 -16.10 -23.31
C ALA B 230 -13.41 -14.86 -22.72
N PRO B 231 -14.22 -14.13 -23.49
CA PRO B 231 -14.89 -12.94 -22.94
C PRO B 231 -15.96 -13.26 -21.93
N ASN B 232 -16.43 -14.51 -21.86
CA ASN B 232 -17.59 -14.88 -21.08
C ASN B 232 -17.25 -15.53 -19.74
N GLY B 233 -15.99 -15.49 -19.32
CA GLY B 233 -15.64 -16.04 -18.03
C GLY B 233 -16.25 -15.24 -16.89
N PRO B 234 -15.92 -15.59 -15.66
CA PRO B 234 -16.34 -14.77 -14.51
C PRO B 234 -15.43 -13.60 -14.16
N TRP B 235 -14.35 -13.37 -14.92
CA TRP B 235 -13.33 -12.40 -14.56
C TRP B 235 -13.08 -11.30 -15.59
N ALA B 236 -13.45 -11.51 -16.85
CA ALA B 236 -13.07 -10.56 -17.90
C ALA B 236 -14.03 -9.38 -18.04
N THR B 237 -15.22 -9.46 -17.47
CA THR B 237 -16.15 -8.34 -17.50
C THR B 237 -16.66 -8.04 -16.09
N VAL B 238 -17.16 -6.82 -15.93
CA VAL B 238 -17.74 -6.37 -14.68
C VAL B 238 -18.96 -5.52 -15.00
N GLY B 239 -19.95 -5.55 -14.10
CA GLY B 239 -21.14 -4.77 -14.30
C GLY B 239 -20.95 -3.30 -13.95
N MET B 240 -21.90 -2.48 -14.42
CA MET B 240 -21.77 -1.04 -14.24
C MET B 240 -21.76 -0.64 -12.77
N GLY B 241 -22.61 -1.30 -11.96
CA GLY B 241 -22.66 -0.95 -10.55
C GLY B 241 -21.36 -1.26 -9.82
N GLU B 242 -20.82 -2.46 -10.05
CA GLU B 242 -19.57 -2.84 -9.39
C GLU B 242 -18.39 -2.05 -9.94
N ALA B 243 -18.41 -1.75 -11.24
CA ALA B 243 -17.37 -0.90 -11.81
C ALA B 243 -17.36 0.48 -11.16
N ARG B 244 -18.56 1.04 -10.93
CA ARG B 244 -18.65 2.34 -10.28
C ARG B 244 -18.18 2.29 -8.83
N ARG B 245 -18.51 1.20 -8.13
CA ARG B 245 -18.06 1.07 -6.74
C ARG B 245 -16.54 1.00 -6.66
N ARG B 246 -15.91 0.28 -7.60
CA ARG B 246 -14.46 0.14 -7.56
C ARG B 246 -13.76 1.46 -7.91
N ALA B 247 -14.24 2.15 -8.94
CA ALA B 247 -13.69 3.45 -9.28
C ALA B 247 -13.85 4.43 -8.12
N THR B 248 -15.00 4.41 -7.45
CA THR B 248 -15.24 5.30 -6.33
C THR B 248 -14.34 4.96 -5.14
N GLN B 249 -14.16 3.70 -4.90
CA GLN B 249 -13.30 3.27 -3.87
C GLN B 249 -11.85 3.64 -4.11
N LEU B 250 -11.37 3.53 -5.35
CA LEU B 250 -10.01 3.92 -5.69
C LEU B 250 -9.79 5.40 -5.42
N ALA B 251 -10.77 6.24 -5.78
CA ALA B 251 -10.65 7.67 -5.49
C ALA B 251 -10.49 7.91 -3.99
N HIS B 252 -11.29 7.22 -3.17
CA HIS B 252 -11.20 7.38 -1.73
C HIS B 252 -9.81 7.03 -1.21
N LEU B 253 -9.26 5.90 -1.69
CA LEU B 253 -7.98 5.42 -1.19
C LEU B 253 -6.81 6.31 -1.58
N VAL B 254 -6.96 7.15 -2.60
CA VAL B 254 -5.90 8.05 -3.02
C VAL B 254 -6.19 9.49 -2.64
N GLY B 255 -7.12 9.70 -1.77
CA GLY B 255 -7.44 11.03 -1.33
C GLY B 255 -8.33 11.87 -2.19
N CYS B 256 -9.19 11.28 -2.98
CA CYS B 256 -10.08 12.06 -3.80
C CYS B 256 -11.52 11.93 -3.37
N PRO B 257 -12.27 13.00 -3.43
CA PRO B 257 -13.68 13.20 -3.21
C PRO B 257 -14.48 11.98 -3.52
N ASN B 264 -20.05 13.67 -7.61
CA ASN B 264 -19.96 14.20 -8.95
C ASN B 264 -18.78 13.60 -9.67
N ASP B 265 -19.05 12.92 -10.76
CA ASP B 265 -18.02 12.27 -11.54
C ASP B 265 -16.97 13.18 -12.10
N THR B 266 -17.38 14.31 -12.66
CA THR B 266 -16.39 15.24 -13.18
C THR B 266 -15.34 15.57 -12.14
N GLU B 267 -15.79 15.96 -10.94
CA GLU B 267 -14.84 16.30 -9.88
C GLU B 267 -14.03 15.09 -9.45
N LEU B 268 -14.63 13.90 -9.48
CA LEU B 268 -13.93 12.69 -9.08
C LEU B 268 -12.79 12.39 -10.05
N VAL B 269 -13.09 12.35 -11.35
CA VAL B 269 -12.06 12.06 -12.34
C VAL B 269 -11.03 13.17 -12.37
N ALA B 270 -11.47 14.42 -12.17
CA ALA B 270 -10.54 15.54 -12.14
C ALA B 270 -9.45 15.33 -11.11
N CYS B 271 -9.84 14.87 -9.91
CA CYS B 271 -8.85 14.61 -8.87
C CYS B 271 -7.95 13.43 -9.23
N LEU B 272 -8.53 12.38 -9.80
CA LEU B 272 -7.74 11.20 -10.14
C LEU B 272 -6.67 11.53 -11.17
N ARG B 273 -6.97 12.45 -12.09
CA ARG B 273 -5.98 12.82 -13.10
C ARG B 273 -4.82 13.63 -12.53
N THR B 274 -4.94 14.14 -11.29
CA THR B 274 -3.83 14.86 -10.67
C THR B 274 -2.85 13.94 -9.98
N ARG B 275 -3.24 12.68 -9.73
CA ARG B 275 -2.39 11.76 -8.99
C ARG B 275 -1.33 11.16 -9.92
N PRO B 276 -0.10 11.01 -9.43
CA PRO B 276 0.91 10.27 -10.19
C PRO B 276 0.41 8.86 -10.51
N ALA B 277 0.80 8.37 -11.69
CA ALA B 277 0.33 7.07 -12.15
C ALA B 277 0.64 5.97 -11.14
N GLN B 278 1.82 6.02 -10.53
CA GLN B 278 2.21 4.99 -9.58
C GLN B 278 1.30 4.95 -8.37
N VAL B 279 0.69 6.08 -8.01
CA VAL B 279 -0.20 6.12 -6.85
C VAL B 279 -1.45 5.29 -7.11
N LEU B 280 -2.03 5.41 -8.30
CA LEU B 280 -3.20 4.60 -8.63
C LEU B 280 -2.86 3.12 -8.61
N VAL B 281 -1.68 2.76 -9.10
CA VAL B 281 -1.27 1.36 -9.11
C VAL B 281 -1.16 0.81 -7.69
N ASN B 282 -0.67 1.65 -6.76
CA ASN B 282 -0.40 1.19 -5.41
C ASN B 282 -1.66 0.79 -4.64
N HIS B 283 -2.83 1.23 -5.09
CA HIS B 283 -4.09 0.90 -4.43
C HIS B 283 -5.01 0.08 -5.32
N GLU B 284 -4.51 -0.39 -6.47
CA GLU B 284 -5.37 -1.07 -7.45
C GLU B 284 -6.04 -2.30 -6.85
N TRP B 285 -5.27 -3.14 -6.17
CA TRP B 285 -5.79 -4.42 -5.71
C TRP B 285 -6.76 -4.28 -4.54
N HIS B 286 -6.75 -3.16 -3.84
CA HIS B 286 -7.54 -3.01 -2.63
C HIS B 286 -9.00 -2.65 -2.90
N VAL B 287 -9.40 -2.50 -4.16
CA VAL B 287 -10.81 -2.25 -4.47
C VAL B 287 -11.57 -3.53 -4.77
N LEU B 288 -10.92 -4.69 -4.72
CA LEU B 288 -11.62 -5.95 -4.89
C LEU B 288 -12.50 -6.22 -3.67
N PRO B 289 -13.68 -6.80 -3.87
CA PRO B 289 -14.62 -6.97 -2.74
C PRO B 289 -14.24 -8.05 -1.73
N GLN B 290 -13.36 -8.99 -2.06
CA GLN B 290 -12.99 -10.01 -1.10
C GLN B 290 -11.64 -10.62 -1.49
N GLU B 291 -11.13 -11.47 -0.59
CA GLU B 291 -9.95 -12.28 -0.90
C GLU B 291 -10.24 -13.18 -2.08
N SER B 292 -9.31 -13.22 -3.05
CA SER B 292 -9.57 -14.01 -4.24
C SER B 292 -8.26 -14.27 -4.98
N VAL B 293 -8.32 -15.27 -5.86
CA VAL B 293 -7.37 -15.44 -6.95
C VAL B 293 -8.19 -15.38 -8.23
N PHE B 294 -7.50 -15.03 -9.34
CA PHE B 294 -8.14 -14.97 -10.65
C PHE B 294 -9.22 -13.90 -10.70
N ARG B 295 -9.04 -12.80 -9.96
CA ARG B 295 -9.91 -11.64 -10.04
C ARG B 295 -9.06 -10.39 -10.15
N PHE B 296 -9.51 -9.43 -10.95
CA PHE B 296 -8.74 -8.24 -11.25
C PHE B 296 -9.64 -7.01 -11.20
N SER B 297 -9.08 -5.89 -10.76
CA SER B 297 -9.88 -4.76 -10.32
C SER B 297 -10.59 -4.07 -11.48
N PHE B 298 -9.85 -3.71 -12.53
CA PHE B 298 -10.37 -2.88 -13.61
C PHE B 298 -10.35 -3.68 -14.90
N VAL B 299 -11.53 -4.15 -15.31
CA VAL B 299 -11.69 -5.01 -16.48
C VAL B 299 -12.74 -4.39 -17.39
N PRO B 300 -12.95 -4.90 -18.60
CA PRO B 300 -14.05 -4.39 -19.43
C PRO B 300 -15.38 -4.38 -18.69
N VAL B 301 -16.16 -3.34 -18.95
CA VAL B 301 -17.46 -3.14 -18.31
C VAL B 301 -18.56 -3.31 -19.34
N VAL B 302 -19.65 -3.95 -18.93
CA VAL B 302 -20.82 -4.14 -19.79
C VAL B 302 -21.74 -2.96 -19.55
N ASP B 303 -21.73 -1.99 -20.46
CA ASP B 303 -22.52 -0.78 -20.32
C ASP B 303 -23.35 -0.46 -21.56
N GLY B 304 -23.49 -1.41 -22.45
CA GLY B 304 -24.25 -1.24 -23.64
C GLY B 304 -23.59 -0.55 -24.80
N ASP B 305 -22.35 -0.18 -24.67
CA ASP B 305 -21.66 0.47 -25.75
C ASP B 305 -20.74 -0.48 -26.46
N PHE B 306 -19.56 -0.77 -25.95
CA PHE B 306 -18.68 -1.71 -26.60
C PHE B 306 -19.35 -3.06 -26.58
N LEU B 307 -19.87 -3.43 -25.45
CA LEU B 307 -20.66 -4.66 -25.32
C LEU B 307 -22.11 -4.25 -25.06
N SER B 308 -22.97 -4.46 -26.05
CA SER B 308 -24.39 -4.12 -25.89
C SER B 308 -25.11 -5.08 -24.96
N ASP B 309 -24.48 -6.17 -24.56
CA ASP B 309 -25.00 -7.08 -23.55
C ASP B 309 -23.82 -7.88 -22.99
N THR B 310 -24.12 -8.76 -22.04
CA THR B 310 -23.09 -9.65 -21.54
C THR B 310 -22.53 -10.50 -22.68
N PRO B 311 -21.25 -10.89 -22.62
CA PRO B 311 -20.72 -11.77 -23.67
C PRO B 311 -21.50 -13.07 -23.79
N GLU B 312 -21.96 -13.64 -22.67
CA GLU B 312 -22.78 -14.84 -22.73
C GLU B 312 -24.02 -14.62 -23.57
N ALA B 313 -24.74 -13.51 -23.32
CA ALA B 313 -25.92 -13.21 -24.10
C ALA B 313 -25.58 -12.97 -25.56
N LEU B 314 -24.49 -12.23 -25.83
CA LEU B 314 -24.10 -11.96 -27.20
C LEU B 314 -23.66 -13.22 -27.93
N ILE B 315 -23.09 -14.18 -27.20
CA ILE B 315 -22.69 -15.44 -27.82
C ILE B 315 -23.92 -16.27 -28.20
N ASN B 316 -24.90 -16.33 -27.30
CA ASN B 316 -26.08 -17.16 -27.56
C ASN B 316 -26.95 -16.59 -28.67
N ALA B 317 -26.91 -15.28 -28.87
CA ALA B 317 -27.79 -14.61 -29.82
C ALA B 317 -27.12 -14.35 -31.18
N GLY B 318 -25.92 -14.86 -31.39
CA GLY B 318 -25.17 -14.52 -32.58
C GLY B 318 -25.33 -15.51 -33.71
N ASP B 319 -25.23 -14.99 -34.93
CA ASP B 319 -25.08 -15.79 -36.14
C ASP B 319 -23.60 -15.79 -36.50
N PHE B 320 -22.94 -16.94 -36.36
CA PHE B 320 -21.51 -17.04 -36.54
C PHE B 320 -21.12 -17.86 -37.76
N HIS B 321 -22.03 -18.02 -38.72
CA HIS B 321 -21.66 -18.57 -40.01
C HIS B 321 -20.62 -17.67 -40.67
N GLY B 322 -19.65 -18.29 -41.33
CA GLY B 322 -18.56 -17.57 -41.95
C GLY B 322 -17.38 -17.29 -41.04
N LEU B 323 -17.43 -17.73 -39.79
CA LEU B 323 -16.38 -17.48 -38.81
C LEU B 323 -15.60 -18.77 -38.56
N GLN B 324 -14.28 -18.68 -38.63
CA GLN B 324 -13.39 -19.75 -38.21
C GLN B 324 -12.67 -19.30 -36.94
N VAL B 325 -12.61 -20.17 -35.94
CA VAL B 325 -11.99 -19.83 -34.66
C VAL B 325 -11.11 -20.99 -34.22
N LEU B 326 -9.97 -20.65 -33.63
CA LEU B 326 -9.05 -21.61 -33.01
C LEU B 326 -8.99 -21.29 -31.53
N VAL B 327 -9.43 -22.23 -30.70
CA VAL B 327 -9.46 -22.05 -29.25
C VAL B 327 -8.78 -23.24 -28.59
N GLY B 328 -8.36 -23.03 -27.35
CA GLY B 328 -7.73 -24.12 -26.62
C GLY B 328 -7.26 -23.68 -25.25
N VAL B 329 -6.79 -24.66 -24.49
CA VAL B 329 -6.36 -24.47 -23.11
C VAL B 329 -5.09 -25.27 -22.88
N VAL B 330 -4.43 -25.02 -21.74
CA VAL B 330 -3.32 -25.84 -21.32
C VAL B 330 -3.83 -26.92 -20.38
N LYS B 331 -2.97 -27.88 -20.05
CA LYS B 331 -3.39 -29.06 -19.28
C LYS B 331 -3.81 -28.69 -17.86
N ASP B 332 -3.17 -27.71 -17.24
CA ASP B 332 -3.40 -27.34 -15.84
C ASP B 332 -3.56 -25.82 -15.73
N GLU B 333 -4.74 -25.33 -16.12
CA GLU B 333 -4.96 -23.88 -16.13
C GLU B 333 -4.95 -23.28 -14.73
N GLY B 334 -5.33 -24.07 -13.71
CA GLY B 334 -5.54 -23.50 -12.39
C GLY B 334 -4.30 -23.34 -11.54
N SER B 335 -3.27 -24.16 -11.78
CA SER B 335 -2.16 -24.29 -10.82
C SER B 335 -1.45 -22.96 -10.58
N TYR B 336 -1.17 -22.20 -11.64
CA TYR B 336 -0.37 -20.99 -11.51
C TYR B 336 -0.98 -20.01 -10.52
N PHE B 337 -2.31 -19.87 -10.52
CA PHE B 337 -2.98 -18.85 -9.72
C PHE B 337 -3.10 -19.23 -8.25
N LEU B 338 -2.87 -20.50 -7.90
CA LEU B 338 -3.06 -20.95 -6.53
C LEU B 338 -2.04 -20.33 -5.58
N VAL B 339 -0.83 -20.06 -6.06
CA VAL B 339 0.21 -19.49 -5.20
C VAL B 339 -0.01 -18.02 -4.91
N TYR B 340 -1.09 -17.42 -5.40
CA TYR B 340 -1.38 -16.01 -5.19
C TYR B 340 -2.54 -15.79 -4.21
N GLY B 341 -2.77 -16.75 -3.30
CA GLY B 341 -3.80 -16.53 -2.30
C GLY B 341 -4.49 -17.76 -1.74
N ALA B 342 -4.36 -18.90 -2.42
CA ALA B 342 -4.96 -20.13 -1.91
C ALA B 342 -4.17 -20.62 -0.70
N PRO B 343 -4.80 -20.80 0.46
CA PRO B 343 -4.05 -21.22 1.65
C PRO B 343 -3.42 -22.60 1.45
N GLY B 344 -2.13 -22.69 1.74
CA GLY B 344 -1.39 -23.93 1.64
C GLY B 344 -0.53 -24.08 0.41
N PHE B 345 -0.52 -23.09 -0.48
CA PHE B 345 0.11 -23.21 -1.79
C PHE B 345 1.31 -22.29 -1.92
N SER B 346 2.38 -22.83 -2.51
CA SER B 346 3.45 -22.03 -3.09
C SER B 346 4.29 -22.94 -3.96
N LYS B 347 5.13 -22.32 -4.74
CA LYS B 347 6.00 -22.98 -5.66
C LYS B 347 7.07 -23.77 -4.98
N ASP B 348 7.43 -23.34 -3.80
CA ASP B 348 8.45 -23.95 -3.00
C ASP B 348 8.30 -25.31 -2.32
N ASN B 349 7.11 -25.77 -2.01
CA ASN B 349 6.91 -27.14 -1.50
C ASN B 349 5.87 -27.86 -2.34
N GLU B 350 5.43 -29.03 -1.87
CA GLU B 350 4.52 -29.87 -2.64
C GLU B 350 3.09 -29.34 -2.66
N SER B 351 2.78 -28.33 -1.85
CA SER B 351 1.43 -27.79 -1.76
C SER B 351 0.40 -28.88 -1.47
N LEU B 352 0.76 -29.80 -0.58
CA LEU B 352 -0.12 -30.91 -0.21
C LEU B 352 -1.06 -30.44 0.89
N ILE B 353 -2.17 -29.84 0.48
CA ILE B 353 -3.07 -29.13 1.39
C ILE B 353 -4.00 -30.10 2.13
N SER B 354 -4.71 -29.59 3.13
CA SER B 354 -5.65 -30.35 3.93
C SER B 354 -7.08 -30.06 3.50
N ARG B 355 -8.03 -30.83 4.07
CA ARG B 355 -9.45 -30.57 3.82
C ARG B 355 -9.81 -29.13 4.16
N ALA B 356 -9.43 -28.69 5.36
CA ALA B 356 -9.74 -27.34 5.79
C ALA B 356 -9.16 -26.30 4.83
N GLU B 357 -7.94 -26.55 4.35
CA GLU B 357 -7.34 -25.62 3.39
C GLU B 357 -8.05 -25.68 2.05
N PHE B 358 -8.44 -26.89 1.61
CA PHE B 358 -9.21 -27.03 0.38
C PHE B 358 -10.53 -26.28 0.48
N LEU B 359 -11.26 -26.46 1.58
CA LEU B 359 -12.55 -25.79 1.75
C LEU B 359 -12.37 -24.27 1.81
N ALA B 360 -11.32 -23.81 2.49
CA ALA B 360 -11.02 -22.39 2.49
C ALA B 360 -10.63 -21.92 1.09
N GLY B 361 -9.89 -22.75 0.35
CA GLY B 361 -9.49 -22.38 -0.99
C GLY B 361 -10.66 -22.22 -1.94
N VAL B 362 -11.75 -22.96 -1.70
CA VAL B 362 -12.91 -22.88 -2.59
C VAL B 362 -13.56 -21.51 -2.51
N ARG B 363 -13.65 -20.94 -1.30
CA ARG B 363 -14.17 -19.58 -1.17
C ARG B 363 -13.25 -18.56 -1.81
N VAL B 364 -11.94 -18.84 -1.84
CA VAL B 364 -11.00 -17.95 -2.49
C VAL B 364 -11.06 -18.11 -4.00
N GLY B 365 -11.16 -19.36 -4.48
CA GLY B 365 -11.19 -19.59 -5.92
C GLY B 365 -12.52 -19.29 -6.56
N VAL B 366 -13.61 -19.38 -5.80
CA VAL B 366 -14.94 -19.06 -6.32
C VAL B 366 -15.51 -17.93 -5.46
N PRO B 367 -14.98 -16.72 -5.57
CA PRO B 367 -15.42 -15.64 -4.67
C PRO B 367 -16.80 -15.12 -5.05
N GLN B 368 -17.44 -14.51 -4.05
CA GLN B 368 -18.69 -13.76 -4.25
C GLN B 368 -19.84 -14.66 -4.72
N VAL B 369 -19.93 -15.86 -4.14
CA VAL B 369 -21.06 -16.74 -4.38
C VAL B 369 -21.65 -17.15 -3.03
N SER B 370 -22.92 -17.55 -3.07
CA SER B 370 -23.61 -17.98 -1.86
C SER B 370 -22.97 -19.24 -1.29
N ASP B 371 -23.19 -19.46 0.00
CA ASP B 371 -22.69 -20.67 0.65
C ASP B 371 -23.20 -21.92 -0.04
N LEU B 372 -24.47 -21.90 -0.48
CA LEU B 372 -25.03 -23.05 -1.19
C LEU B 372 -24.25 -23.33 -2.48
N ALA B 373 -23.91 -22.27 -3.22
CA ALA B 373 -23.10 -22.44 -4.42
C ALA B 373 -21.75 -23.04 -4.10
N ALA B 374 -21.10 -22.55 -3.04
CA ALA B 374 -19.81 -23.09 -2.64
C ALA B 374 -19.92 -24.55 -2.24
N GLU B 375 -20.98 -24.91 -1.51
CA GLU B 375 -21.21 -26.30 -1.16
C GLU B 375 -21.36 -27.17 -2.41
N ALA B 376 -22.05 -26.64 -3.43
CA ALA B 376 -22.19 -27.39 -4.67
C ALA B 376 -20.85 -27.64 -5.34
N VAL B 377 -19.95 -26.65 -5.27
CA VAL B 377 -18.59 -26.84 -5.80
C VAL B 377 -17.88 -27.96 -5.03
N VAL B 378 -18.00 -27.95 -3.71
CA VAL B 378 -17.35 -28.95 -2.88
C VAL B 378 -17.91 -30.34 -3.17
N LEU B 379 -19.22 -30.44 -3.38
CA LEU B 379 -19.82 -31.73 -3.71
C LEU B 379 -19.22 -32.31 -4.98
N HIS B 380 -19.08 -31.48 -6.02
CA HIS B 380 -18.68 -31.97 -7.33
C HIS B 380 -17.19 -32.25 -7.43
N TYR B 381 -16.36 -31.56 -6.65
CA TYR B 381 -14.92 -31.71 -6.75
C TYR B 381 -14.32 -32.51 -5.60
N THR B 382 -15.14 -33.06 -4.72
CA THR B 382 -14.67 -33.97 -3.69
C THR B 382 -14.79 -35.40 -4.20
N ASP B 383 -13.72 -36.18 -4.04
CA ASP B 383 -13.79 -37.63 -4.17
C ASP B 383 -14.21 -38.18 -2.81
N TRP B 384 -15.46 -38.60 -2.70
CA TRP B 384 -16.01 -38.99 -1.41
C TRP B 384 -15.54 -40.35 -0.95
N LEU B 385 -14.73 -41.04 -1.74
CA LEU B 385 -13.98 -42.20 -1.25
C LEU B 385 -12.61 -41.80 -0.70
N HIS B 386 -12.09 -40.65 -1.12
CA HIS B 386 -10.83 -40.12 -0.59
C HIS B 386 -11.00 -38.64 -0.27
N PRO B 387 -11.91 -38.30 0.65
CA PRO B 387 -12.25 -36.89 0.87
C PRO B 387 -11.12 -36.07 1.47
N GLU B 388 -10.07 -36.70 2.00
CA GLU B 388 -9.05 -35.98 2.75
C GLU B 388 -7.63 -36.21 2.23
N ASP B 389 -7.47 -36.86 1.09
CA ASP B 389 -6.15 -37.09 0.50
C ASP B 389 -5.54 -35.77 0.03
N PRO B 390 -4.41 -35.33 0.59
CA PRO B 390 -3.85 -34.02 0.20
C PRO B 390 -3.54 -33.88 -1.28
N ALA B 391 -2.97 -34.92 -1.91
CA ALA B 391 -2.62 -34.82 -3.32
C ALA B 391 -3.86 -34.63 -4.18
N ARG B 392 -4.93 -35.36 -3.89
CA ARG B 392 -6.18 -35.20 -4.64
C ARG B 392 -6.79 -33.83 -4.38
N LEU B 393 -6.68 -33.33 -3.15
CA LEU B 393 -7.24 -32.01 -2.84
C LEU B 393 -6.50 -30.91 -3.59
N ARG B 394 -5.17 -31.04 -3.71
CA ARG B 394 -4.40 -30.08 -4.49
C ARG B 394 -4.84 -30.08 -5.93
N GLU B 395 -4.92 -31.26 -6.54
CA GLU B 395 -5.37 -31.37 -7.93
C GLU B 395 -6.81 -30.87 -8.10
N ALA B 396 -7.66 -31.10 -7.10
CA ALA B 396 -9.06 -30.74 -7.24
C ALA B 396 -9.27 -29.23 -7.22
N LEU B 397 -8.61 -28.54 -6.30
CA LEU B 397 -8.78 -27.08 -6.24
C LEU B 397 -8.09 -26.40 -7.42
N SER B 398 -7.05 -27.03 -7.98
CA SER B 398 -6.54 -26.57 -9.27
C SER B 398 -7.61 -26.71 -10.36
N ASP B 399 -8.32 -27.84 -10.37
CA ASP B 399 -9.43 -28.02 -11.29
C ASP B 399 -10.51 -26.96 -11.07
N VAL B 400 -10.84 -26.69 -9.81
CA VAL B 400 -11.88 -25.71 -9.50
C VAL B 400 -11.54 -24.36 -10.13
N VAL B 401 -10.33 -23.85 -9.85
CA VAL B 401 -9.93 -22.54 -10.36
C VAL B 401 -9.82 -22.56 -11.87
N GLY B 402 -9.27 -23.64 -12.42
CA GLY B 402 -9.04 -23.69 -13.86
C GLY B 402 -10.31 -23.81 -14.68
N ASP B 403 -11.23 -24.69 -14.24
CA ASP B 403 -12.46 -24.87 -15.00
C ASP B 403 -13.38 -23.67 -14.86
N HIS B 404 -13.53 -23.15 -13.64
CA HIS B 404 -14.38 -21.98 -13.40
C HIS B 404 -13.94 -20.80 -14.25
N ASN B 405 -12.63 -20.61 -14.41
CA ASN B 405 -12.13 -19.39 -15.03
C ASN B 405 -11.71 -19.53 -16.48
N VAL B 406 -11.26 -20.70 -16.92
CA VAL B 406 -10.75 -20.82 -18.29
C VAL B 406 -11.44 -21.94 -19.07
N VAL B 407 -11.35 -23.17 -18.59
CA VAL B 407 -11.73 -24.32 -19.41
C VAL B 407 -13.21 -24.28 -19.76
N CYS B 408 -14.06 -24.06 -18.76
CA CYS B 408 -15.50 -24.07 -19.00
C CYS B 408 -16.01 -22.84 -19.74
N PRO B 409 -15.49 -21.63 -19.50
CA PRO B 409 -15.84 -20.52 -20.40
C PRO B 409 -15.40 -20.76 -21.84
N VAL B 410 -14.22 -21.37 -22.03
CA VAL B 410 -13.76 -21.68 -23.39
C VAL B 410 -14.61 -22.77 -24.00
N ALA B 411 -15.01 -23.77 -23.20
CA ALA B 411 -15.87 -24.83 -23.70
C ALA B 411 -17.24 -24.29 -24.09
N GLN B 412 -17.79 -23.38 -23.30
CA GLN B 412 -19.09 -22.79 -23.62
C GLN B 412 -19.01 -21.95 -24.89
N LEU B 413 -17.97 -21.13 -25.00
CA LEU B 413 -17.79 -20.34 -26.22
C LEU B 413 -17.71 -21.24 -27.44
N ALA B 414 -16.88 -22.29 -27.37
CA ALA B 414 -16.71 -23.18 -28.51
C ALA B 414 -18.02 -23.85 -28.89
N GLY B 415 -18.75 -24.34 -27.90
CA GLY B 415 -19.97 -25.08 -28.19
C GLY B 415 -21.03 -24.21 -28.86
N ARG B 416 -21.25 -23.01 -28.33
CA ARG B 416 -22.28 -22.14 -28.89
C ARG B 416 -21.87 -21.60 -30.24
N LEU B 417 -20.59 -21.24 -30.41
CA LEU B 417 -20.10 -20.77 -31.70
C LEU B 417 -20.28 -21.85 -32.76
N ALA B 418 -19.88 -23.09 -32.44
CA ALA B 418 -20.02 -24.19 -33.40
C ALA B 418 -21.49 -24.47 -33.69
N ALA B 419 -22.34 -24.42 -32.67
CA ALA B 419 -23.76 -24.68 -32.87
C ALA B 419 -24.49 -23.52 -33.54
N GLN B 420 -23.80 -22.43 -33.87
CA GLN B 420 -24.43 -21.28 -34.49
C GLN B 420 -23.69 -20.83 -35.74
N GLY B 421 -23.01 -21.76 -36.42
CA GLY B 421 -22.50 -21.54 -37.76
C GLY B 421 -21.00 -21.48 -37.88
N ALA B 422 -20.27 -21.28 -36.79
CA ALA B 422 -18.82 -21.16 -36.87
C ALA B 422 -18.18 -22.54 -36.99
N ARG B 423 -17.03 -22.59 -37.64
CA ARG B 423 -16.18 -23.78 -37.65
C ARG B 423 -15.08 -23.57 -36.63
N VAL B 424 -15.02 -24.46 -35.64
CA VAL B 424 -14.18 -24.30 -34.46
C VAL B 424 -13.15 -25.42 -34.42
N TYR B 425 -11.91 -25.07 -34.11
CA TYR B 425 -10.86 -26.04 -33.84
C TYR B 425 -10.38 -25.86 -32.40
N ALA B 426 -10.32 -26.94 -31.64
CA ALA B 426 -9.98 -26.90 -30.23
C ALA B 426 -8.78 -27.79 -29.93
N TYR B 427 -7.95 -27.35 -28.99
CA TYR B 427 -6.75 -28.06 -28.60
C TYR B 427 -6.63 -28.08 -27.08
N VAL B 428 -5.84 -29.03 -26.58
CA VAL B 428 -5.33 -28.98 -25.22
C VAL B 428 -3.82 -29.13 -25.30
N PHE B 429 -3.10 -28.14 -24.78
CA PHE B 429 -1.64 -28.14 -24.85
C PHE B 429 -1.08 -28.89 -23.64
N GLU B 430 -0.36 -29.98 -23.90
CA GLU B 430 0.01 -30.93 -22.85
C GLU B 430 1.50 -31.15 -22.71
N HIS B 431 2.35 -30.31 -23.31
CA HIS B 431 3.79 -30.47 -23.18
C HIS B 431 4.32 -29.56 -22.08
N ARG B 432 5.00 -30.15 -21.10
CA ARG B 432 5.71 -29.38 -20.08
C ARG B 432 7.10 -29.07 -20.60
N ALA B 433 7.42 -27.78 -20.70
CA ALA B 433 8.70 -27.37 -21.26
C ALA B 433 9.85 -27.90 -20.42
N SER B 434 10.89 -28.39 -21.08
CA SER B 434 12.06 -28.86 -20.37
C SER B 434 12.74 -27.75 -19.59
N THR B 435 12.56 -26.50 -20.02
CA THR B 435 13.15 -25.33 -19.38
C THR B 435 12.26 -24.76 -18.28
N LEU B 436 11.16 -25.44 -17.94
CA LEU B 436 10.16 -24.87 -17.05
C LEU B 436 10.69 -24.72 -15.64
N SER B 437 10.52 -23.52 -15.06
CA SER B 437 11.09 -23.19 -13.76
C SER B 437 10.10 -23.30 -12.61
N TRP B 438 8.81 -23.52 -12.88
CA TRP B 438 7.88 -23.77 -11.79
C TRP B 438 7.93 -25.24 -11.38
N PRO B 439 7.47 -25.56 -10.18
CA PRO B 439 7.58 -26.94 -9.69
C PRO B 439 6.79 -27.92 -10.55
N LEU B 440 7.10 -29.18 -10.42
CA LEU B 440 6.44 -30.23 -11.13
C LEU B 440 4.98 -30.37 -10.81
N TRP B 441 4.59 -30.07 -9.60
CA TRP B 441 3.19 -30.26 -9.22
C TRP B 441 2.25 -29.35 -10.00
N MET B 442 2.77 -28.28 -10.61
CA MET B 442 1.94 -27.38 -11.39
C MET B 442 1.61 -27.92 -12.78
N GLY B 443 2.30 -28.98 -13.23
CA GLY B 443 1.97 -29.57 -14.52
C GLY B 443 2.35 -28.64 -15.67
N VAL B 444 1.42 -28.47 -16.61
CA VAL B 444 1.56 -27.52 -17.71
C VAL B 444 0.76 -26.27 -17.36
N PRO B 445 1.39 -25.23 -16.83
CA PRO B 445 0.63 -24.11 -16.27
C PRO B 445 0.16 -23.13 -17.33
N HIS B 446 -0.74 -22.27 -16.88
CA HIS B 446 -1.33 -21.24 -17.70
C HIS B 446 -0.26 -20.32 -18.28
N GLY B 447 -0.21 -20.23 -19.62
CA GLY B 447 0.68 -19.30 -20.29
C GLY B 447 1.92 -19.89 -20.90
N TYR B 448 2.15 -21.20 -20.76
CA TYR B 448 3.41 -21.81 -21.18
C TYR B 448 3.28 -22.61 -22.45
N GLU B 449 2.24 -22.34 -23.24
CA GLU B 449 2.21 -22.71 -24.65
C GLU B 449 2.67 -21.58 -25.56
N ILE B 450 2.72 -20.35 -25.05
CA ILE B 450 2.99 -19.19 -25.88
C ILE B 450 4.37 -19.27 -26.50
N GLU B 451 5.39 -19.54 -25.67
CA GLU B 451 6.77 -19.58 -26.16
C GLU B 451 6.92 -20.56 -27.31
N PHE B 452 6.08 -21.59 -27.35
CA PHE B 452 6.13 -22.55 -28.45
C PHE B 452 5.40 -22.03 -29.69
N ILE B 453 4.30 -21.29 -29.49
CA ILE B 453 3.59 -20.71 -30.62
C ILE B 453 4.46 -19.67 -31.32
N PHE B 454 5.26 -18.94 -30.55
CA PHE B 454 6.14 -17.93 -31.12
C PHE B 454 7.51 -18.48 -31.52
N GLY B 455 7.73 -19.79 -31.40
CA GLY B 455 8.96 -20.39 -31.87
C GLY B 455 10.20 -20.04 -31.08
N ILE B 456 10.05 -19.62 -29.82
CA ILE B 456 11.16 -19.28 -28.95
C ILE B 456 12.16 -20.43 -28.80
N PRO B 457 11.74 -21.71 -28.80
CA PRO B 457 12.73 -22.80 -28.79
C PRO B 457 13.72 -22.77 -29.94
N LEU B 458 13.45 -22.03 -31.02
CA LEU B 458 14.42 -21.95 -32.10
C LEU B 458 15.59 -21.03 -31.78
N ASP B 459 15.47 -20.21 -30.74
CA ASP B 459 16.57 -19.36 -30.29
C ASP B 459 17.72 -20.23 -29.80
N PRO B 460 18.90 -20.17 -30.44
CA PRO B 460 20.00 -21.07 -30.02
C PRO B 460 20.51 -20.77 -28.62
N SER B 461 20.39 -19.53 -28.16
CA SER B 461 20.90 -19.16 -26.83
C SER B 461 20.10 -19.78 -25.69
N ARG B 462 18.94 -20.37 -25.98
CA ARG B 462 18.14 -21.05 -24.96
C ARG B 462 18.31 -22.56 -25.09
N ASN B 463 17.80 -23.28 -24.09
CA ASN B 463 18.20 -24.66 -23.85
C ASN B 463 17.11 -25.68 -24.19
N TYR B 464 16.26 -25.39 -25.17
CA TYR B 464 15.24 -26.34 -25.56
C TYR B 464 15.87 -27.53 -26.31
N THR B 465 15.22 -28.68 -26.21
CA THR B 465 15.70 -29.88 -26.85
C THR B 465 15.45 -29.83 -28.36
N ALA B 466 15.99 -30.82 -29.07
CA ALA B 466 15.79 -30.88 -30.52
C ALA B 466 14.34 -31.19 -30.88
N GLU B 467 13.73 -32.04 -30.07
CA GLU B 467 12.33 -32.39 -30.22
C GLU B 467 11.42 -31.21 -30.02
N GLU B 468 11.76 -30.41 -29.05
CA GLU B 468 10.98 -29.22 -28.74
C GLU B 468 11.07 -28.19 -29.87
N LYS B 469 12.22 -28.10 -30.54
CA LYS B 469 12.31 -27.23 -31.71
C LYS B 469 11.41 -27.72 -32.83
N ILE B 470 11.36 -29.04 -33.06
CA ILE B 470 10.45 -29.61 -34.05
C ILE B 470 9.00 -29.33 -33.65
N PHE B 471 8.69 -29.50 -32.37
CA PHE B 471 7.33 -29.31 -31.90
C PHE B 471 6.89 -27.85 -32.04
N ALA B 472 7.81 -26.91 -31.78
CA ALA B 472 7.50 -25.49 -31.99
C ALA B 472 7.20 -25.22 -33.46
N GLN B 473 7.94 -25.85 -34.37
CA GLN B 473 7.73 -25.63 -35.79
C GLN B 473 6.38 -26.19 -36.24
N ARG B 474 5.96 -27.31 -35.65
CA ARG B 474 4.61 -27.81 -35.89
C ARG B 474 3.56 -26.80 -35.47
N LEU B 475 3.68 -26.29 -34.24
CA LEU B 475 2.69 -25.35 -33.71
C LEU B 475 2.64 -24.08 -34.53
N MET B 476 3.80 -23.59 -34.98
CA MET B 476 3.81 -22.42 -35.85
C MET B 476 3.12 -22.71 -37.16
N ARG B 477 3.24 -23.94 -37.67
CA ARG B 477 2.58 -24.31 -38.92
C ARG B 477 1.07 -24.38 -38.74
N TYR B 478 0.60 -25.00 -37.65
CA TYR B 478 -0.84 -25.03 -37.36
C TYR B 478 -1.42 -23.62 -37.30
N TRP B 479 -0.79 -22.76 -36.50
CA TRP B 479 -1.30 -21.40 -36.31
C TRP B 479 -1.29 -20.62 -37.62
N ALA B 480 -0.22 -20.74 -38.40
CA ALA B 480 -0.13 -20.00 -39.66
C ALA B 480 -1.07 -20.58 -40.71
N ASN B 481 -1.20 -21.91 -40.75
CA ASN B 481 -2.18 -22.54 -41.64
C ASN B 481 -3.58 -21.99 -41.38
N PHE B 482 -3.96 -21.88 -40.10
CA PHE B 482 -5.27 -21.35 -39.76
C PHE B 482 -5.40 -19.90 -40.17
N ALA B 483 -4.33 -19.12 -40.05
CA ALA B 483 -4.38 -17.72 -40.45
C ALA B 483 -4.59 -17.58 -41.96
N ARG B 484 -3.95 -18.46 -42.74
CA ARG B 484 -4.04 -18.37 -44.19
C ARG B 484 -5.36 -18.92 -44.73
N THR B 485 -5.84 -19.99 -44.14
CA THR B 485 -7.00 -20.66 -44.65
C THR B 485 -8.15 -20.95 -43.78
N GLY B 486 -8.01 -20.74 -42.49
CA GLY B 486 -9.06 -21.05 -41.58
C GLY B 486 -9.05 -22.44 -41.10
N ASP B 487 -8.01 -23.16 -41.43
CA ASP B 487 -7.89 -24.53 -41.08
C ASP B 487 -6.43 -24.81 -40.78
N PRO B 488 -6.13 -25.40 -39.65
CA PRO B 488 -4.73 -25.70 -39.27
C PRO B 488 -4.14 -26.93 -39.97
N ASN B 489 -4.97 -27.78 -40.58
CA ASN B 489 -4.50 -29.04 -41.14
C ASN B 489 -3.71 -28.83 -42.42
N GLU B 490 -3.20 -29.95 -42.95
CA GLU B 490 -2.85 -30.24 -44.36
C GLU B 490 -1.40 -30.68 -44.49
N PRO B 497 -2.32 -37.50 -39.58
CA PRO B 497 -3.44 -37.47 -38.63
C PRO B 497 -4.12 -36.10 -38.62
N GLN B 498 -5.44 -36.08 -38.78
CA GLN B 498 -6.17 -34.86 -39.06
C GLN B 498 -6.80 -34.27 -37.80
N TRP B 499 -6.86 -32.94 -37.76
CA TRP B 499 -7.44 -32.19 -36.66
C TRP B 499 -8.90 -31.89 -36.99
N PRO B 500 -9.87 -32.55 -36.36
CA PRO B 500 -11.27 -32.37 -36.76
C PRO B 500 -11.88 -31.16 -36.08
N PRO B 501 -12.91 -30.56 -36.68
CA PRO B 501 -13.58 -29.41 -36.04
C PRO B 501 -14.28 -29.81 -34.76
N TYR B 502 -14.40 -28.84 -33.86
CA TYR B 502 -15.12 -29.02 -32.60
C TYR B 502 -16.60 -28.75 -32.82
N THR B 503 -17.44 -29.66 -32.32
CA THR B 503 -18.89 -29.53 -32.41
C THR B 503 -19.50 -29.69 -31.03
N ALA B 504 -20.70 -29.13 -30.86
CA ALA B 504 -21.35 -29.18 -29.55
C ALA B 504 -21.69 -30.61 -29.15
N GLY B 505 -21.90 -31.50 -30.12
CA GLY B 505 -22.20 -32.87 -29.83
C GLY B 505 -20.97 -33.74 -29.65
N ALA B 506 -20.14 -33.83 -30.70
CA ALA B 506 -18.96 -34.70 -30.64
C ALA B 506 -17.90 -34.14 -29.68
N GLN B 507 -17.79 -32.82 -29.57
CA GLN B 507 -16.89 -32.16 -28.63
C GLN B 507 -15.44 -32.59 -28.83
N GLN B 508 -15.02 -32.71 -30.09
CA GLN B 508 -13.70 -33.24 -30.40
C GLN B 508 -12.64 -32.15 -30.34
N TYR B 509 -11.48 -32.52 -29.80
CA TYR B 509 -10.31 -31.65 -29.76
C TYR B 509 -9.07 -32.52 -29.95
N VAL B 510 -7.92 -31.87 -30.08
CA VAL B 510 -6.65 -32.59 -30.19
C VAL B 510 -5.75 -32.21 -29.03
N SER B 511 -4.82 -33.12 -28.73
CA SER B 511 -3.77 -32.87 -27.74
C SER B 511 -2.51 -32.45 -28.46
N LEU B 512 -1.91 -31.35 -28.02
CA LEU B 512 -0.67 -30.84 -28.60
C LEU B 512 0.47 -31.18 -27.67
N ASP B 513 1.35 -32.08 -28.11
CA ASP B 513 2.58 -32.41 -27.39
C ASP B 513 3.58 -32.98 -28.37
N LEU B 514 4.64 -33.60 -27.85
CA LEU B 514 5.68 -34.16 -28.71
C LEU B 514 5.19 -35.33 -29.55
N ARG B 515 4.15 -36.03 -29.09
CA ARG B 515 3.55 -37.09 -29.87
C ARG B 515 2.71 -36.50 -31.01
N PRO B 516 2.40 -37.30 -32.03
CA PRO B 516 1.50 -36.81 -33.09
C PRO B 516 0.11 -36.54 -32.54
N LEU B 517 -0.69 -35.82 -33.34
CA LEU B 517 -2.02 -35.41 -32.92
C LEU B 517 -2.85 -36.61 -32.47
N GLU B 518 -3.61 -36.41 -31.41
CA GLU B 518 -4.51 -37.43 -30.87
C GLU B 518 -5.86 -36.76 -30.62
N VAL B 519 -6.92 -37.36 -31.15
CA VAL B 519 -8.27 -36.78 -31.06
C VAL B 519 -8.95 -37.33 -29.81
N ARG B 520 -9.56 -36.44 -29.03
CA ARG B 520 -10.28 -36.81 -27.82
C ARG B 520 -11.63 -36.10 -27.80
N ARG B 521 -12.46 -36.47 -26.83
CA ARG B 521 -13.81 -35.95 -26.70
C ARG B 521 -13.99 -35.25 -25.36
N GLY B 522 -14.66 -34.10 -25.38
CA GLY B 522 -15.08 -33.43 -24.16
C GLY B 522 -14.03 -32.56 -23.50
N LEU B 523 -14.30 -31.29 -23.35
CA LEU B 523 -13.43 -30.40 -22.61
C LEU B 523 -13.93 -30.35 -21.19
N ARG B 524 -13.57 -31.34 -20.38
CA ARG B 524 -14.04 -31.49 -19.00
C ARG B 524 -15.57 -31.37 -19.00
N ALA B 525 -16.24 -32.14 -19.81
CA ALA B 525 -17.64 -32.02 -20.01
C ALA B 525 -18.49 -32.19 -18.78
N GLN B 526 -18.08 -33.11 -17.92
CA GLN B 526 -18.77 -33.34 -16.67
C GLN B 526 -18.67 -32.13 -15.74
N ALA B 527 -17.46 -31.62 -15.55
CA ALA B 527 -17.29 -30.45 -14.70
C ALA B 527 -17.94 -29.21 -15.33
N CYS B 528 -17.85 -29.06 -16.64
CA CYS B 528 -18.32 -27.83 -17.25
C CYS B 528 -19.84 -27.81 -17.41
N ALA B 529 -20.50 -28.98 -17.37
CA ALA B 529 -21.96 -28.97 -17.25
C ALA B 529 -22.39 -28.29 -15.96
N PHE B 530 -21.59 -28.45 -14.91
CA PHE B 530 -21.88 -27.83 -13.61
C PHE B 530 -21.76 -26.32 -13.68
N TRP B 531 -20.64 -25.82 -14.22
CA TRP B 531 -20.42 -24.37 -14.27
C TRP B 531 -21.30 -23.71 -15.31
N ASN B 532 -21.49 -24.33 -16.46
CA ASN B 532 -22.15 -23.68 -17.58
C ASN B 532 -23.66 -23.91 -17.60
N ARG B 533 -24.14 -25.01 -17.04
CA ARG B 533 -25.57 -25.34 -17.10
C ARG B 533 -26.26 -25.25 -15.75
N PHE B 534 -25.66 -25.77 -14.68
CA PHE B 534 -26.40 -25.83 -13.42
C PHE B 534 -26.19 -24.59 -12.53
N LEU B 535 -24.94 -24.16 -12.31
CA LEU B 535 -24.71 -23.02 -11.42
C LEU B 535 -25.51 -21.78 -11.77
N PRO B 536 -25.57 -21.34 -13.02
CA PRO B 536 -26.40 -20.15 -13.31
C PRO B 536 -27.83 -20.30 -12.84
N LYS B 537 -28.41 -21.50 -12.96
CA LYS B 537 -29.75 -21.75 -12.44
C LYS B 537 -29.78 -21.60 -10.92
N LEU B 538 -28.75 -22.09 -10.24
CA LEU B 538 -28.72 -22.04 -8.78
C LEU B 538 -28.58 -20.62 -8.28
N LEU B 539 -27.74 -19.81 -8.92
CA LEU B 539 -27.56 -18.43 -8.50
C LEU B 539 -28.78 -17.57 -8.76
N SER B 540 -29.62 -17.95 -9.73
CA SER B 540 -30.84 -17.21 -10.03
C SER B 540 -31.96 -17.47 -9.03
N ALA B 541 -31.84 -18.50 -8.20
CA ALA B 541 -32.89 -18.85 -7.25
C ALA B 541 -32.35 -18.99 -5.83
C1 NAG C . -17.26 31.19 28.42
C2 NAG C . -18.66 31.74 28.11
C3 NAG C . -19.03 31.45 26.65
C4 NAG C . -17.95 31.95 25.70
C5 NAG C . -16.61 31.36 26.10
C6 NAG C . -15.45 31.87 25.27
C7 NAG C . -20.38 31.94 29.86
C8 NAG C . -20.12 33.42 29.83
N2 NAG C . -19.66 31.20 29.02
O3 NAG C . -20.28 32.06 26.35
O4 NAG C . -18.28 31.57 24.36
O5 NAG C . -16.31 31.69 27.47
O6 NAG C . -15.66 33.21 24.88
O7 NAG C . -21.20 31.45 30.61
C1 NAG C . -18.31 32.63 23.38
C2 NAG C . -18.12 31.98 22.00
C3 NAG C . -18.14 33.04 20.91
C4 NAG C . -19.39 33.90 21.01
C5 NAG C . -19.51 34.48 22.41
C6 NAG C . -20.78 35.28 22.62
C7 NAG C . -16.90 29.87 21.76
C8 NAG C . -15.54 29.22 21.72
N2 NAG C . -16.91 31.20 21.95
O3 NAG C . -18.09 32.40 19.63
O4 NAG C . -19.35 34.94 20.05
O5 NAG C . -19.51 33.44 23.40
O6 NAG C . -21.61 34.71 23.63
O7 NAG C . -17.94 29.23 21.62
C1 FUC C . -14.49 34.02 25.14
C2 FUC C . -14.82 35.43 24.64
C3 FUC C . -15.90 36.08 25.52
C4 FUC C . -15.45 36.09 26.98
C5 FUC C . -15.10 34.66 27.43
C6 FUC C . -14.47 34.60 28.82
O2 FUC C . -15.21 35.43 23.27
O3 FUC C . -16.12 37.43 25.12
O4 FUC C . -14.33 36.93 27.15
O5 FUC C . -14.16 34.03 26.53
C1 NAG D . 4.13 -25.03 2.07
C2 NAG D . 3.78 -25.39 3.51
C3 NAG D . 2.65 -24.49 4.03
C4 NAG D . 2.97 -23.01 3.81
C5 NAG D . 3.37 -22.79 2.34
C6 NAG D . 3.85 -21.38 2.07
C7 NAG D . 4.12 -27.69 4.32
C8 NAG D . 5.36 -27.17 5.00
N2 NAG D . 3.40 -26.78 3.64
O3 NAG D . 2.44 -24.73 5.41
O4 NAG D . 1.85 -22.20 4.13
O5 NAG D . 4.44 -23.66 1.97
O6 NAG D . 4.59 -20.90 3.18
O7 NAG D . 3.78 -28.86 4.40
C1 NAG D . 2.12 -21.20 5.17
C2 NAG D . 0.96 -20.21 5.28
C3 NAG D . 1.29 -19.16 6.33
C4 NAG D . 1.53 -19.85 7.67
C5 NAG D . 2.63 -20.92 7.54
C6 NAG D . 2.76 -21.75 8.79
C7 NAG D . -0.60 -19.53 3.52
C8 NAG D . -0.77 -18.84 2.20
N2 NAG D . 0.65 -19.58 4.01
O3 NAG D . 0.22 -18.23 6.44
O4 NAG D . 1.94 -18.89 8.63
O5 NAG D . 2.35 -21.83 6.47
O6 NAG D . 3.57 -22.91 8.59
O7 NAG D . -1.55 -20.05 4.12
C1 FUC D . 5.66 -20.06 2.74
C2 FUC D . 6.30 -19.61 4.05
C3 FUC D . 6.93 -20.82 4.74
C4 FUC D . 7.99 -21.40 3.82
C5 FUC D . 7.32 -21.86 2.54
C6 FUC D . 8.27 -22.38 1.50
O2 FUC D . 5.34 -18.98 4.90
O3 FUC D . 7.54 -20.45 5.97
O4 FUC D . 8.93 -20.37 3.50
O5 FUC D . 6.58 -20.77 1.92
C1 NAG E . 8.82 14.35 -12.86
C2 NAG E . 9.04 13.16 -13.73
C3 NAG E . 10.45 12.76 -13.48
C4 NAG E . 11.36 13.78 -14.07
C5 NAG E . 11.10 15.11 -13.36
C6 NAG E . 11.75 16.32 -14.04
C7 NAG E . 7.23 11.62 -14.38
C8 NAG E . 6.62 10.28 -14.12
N2 NAG E . 8.09 12.10 -13.47
O3 NAG E . 10.70 11.58 -14.18
O4 NAG E . 12.69 13.29 -13.92
O5 NAG E . 9.70 15.36 -13.32
O6 NAG E . 13.13 16.15 -14.34
O7 NAG E . 6.92 12.19 -15.40
C21 7PE F . 3.61 0.04 -2.27
C20 7PE F . 2.84 1.19 -1.66
O19 7PE F . 3.65 2.36 -1.67
C18 7PE F . 4.57 2.37 -0.57
C17 7PE F . 5.61 3.47 -0.79
O16 7PE F . 6.18 3.83 0.46
C15 7PE F . 7.46 3.23 0.64
C14 7PE F . 7.28 1.78 1.08
O13 7PE F . 8.47 1.04 0.81
C12 7PE F . 8.21 -0.34 0.62
C11 7PE F . 8.20 -1.05 1.97
O10 7PE F . 7.37 -2.20 1.90
C9 7PE F . 6.00 -1.88 2.14
C8 7PE F . 5.11 -2.91 1.44
O7 7PE F . 3.81 -2.89 2.03
C6 7PE F . 3.17 -1.62 1.86
C5 7PE F . 1.67 -1.80 1.99
O4 7PE F . 1.10 -0.63 2.58
C3 7PE F . -0.09 -0.93 3.30
C2 7PE F . 0.23 -1.87 4.46
O1 7PE F . -0.92 -2.02 5.30
C13 L0S G . -1.79 14.86 21.59
C01 L0S G . -0.31 20.07 26.10
C02 L0S G . 0.81 19.91 25.07
C04 L0S G . 2.15 17.99 25.99
C05 L0S G . 3.59 18.37 25.64
C06 L0S G . 0.72 17.65 23.96
C07 L0S G . -0.25 18.22 22.93
N03 L0S G . 1.23 18.51 25.01
N08 L0S G . 1.08 16.45 23.92
O11 L0S G . 1.01 15.84 21.41
O12 L0S G . -1.12 15.38 22.71
P09 L0S G . 0.53 15.40 22.70
C21 7PE H . -28.24 -5.30 -20.33
C20 7PE H . -26.97 -4.94 -21.06
O19 7PE H . -26.82 -3.53 -21.10
C18 7PE H . -26.54 -2.98 -19.81
C17 7PE H . -26.25 -1.49 -19.93
O16 7PE H . -27.44 -0.81 -20.33
C15 7PE H . -27.47 -0.58 -21.74
C14 7PE H . -28.01 0.82 -22.01
O13 7PE H . -28.12 1.01 -23.42
C12 7PE H . -26.86 1.33 -24.01
C11 7PE H . -26.34 2.64 -23.45
O10 7PE H . -25.04 2.90 -23.98
C9 7PE H . -25.10 3.27 -25.36
C8 7PE H . -24.31 4.56 -25.57
O7 7PE H . -23.12 4.52 -24.80
C6 7PE H . -23.28 5.12 -23.52
C5 7PE H . -23.00 4.10 -22.44
O4 7PE H . -22.92 4.75 -21.17
C3 7PE H . -23.31 3.89 -20.10
C2 7PE H . -24.81 4.01 -19.86
O1 7PE H . -25.05 4.68 -18.62
C13 L0S I . -6.12 -14.03 -16.10
C01 L0S I . 0.59 -15.69 -16.07
C02 L0S I . 0.31 -14.29 -16.62
C04 L0S I . -0.19 -14.72 -19.04
C05 L0S I . 0.46 -13.51 -19.74
C06 L0S I . -2.03 -14.05 -17.48
C07 L0S I . -2.51 -13.67 -16.07
N03 L0S I . -0.63 -14.36 -17.71
N08 L0S I . -2.85 -14.10 -18.42
O11 L0S I . -4.65 -12.32 -17.96
O12 L0S I . -5.00 -14.54 -16.78
P09 L0S I . -4.50 -13.75 -18.14
#